data_3USF
#
_entry.id   3USF
#
_cell.length_a   68.582
_cell.length_b   108.781
_cell.length_c   124.712
_cell.angle_alpha   90.000
_cell.angle_beta   90.000
_cell.angle_gamma   90.000
#
_symmetry.space_group_name_H-M   'P 21 21 21'
#
loop_
_entity.id
_entity.type
_entity.pdbx_description
1 polymer 'Glutamate-1-semialdehyde 2,1-aminomutase'
2 non-polymer '(5-HYDROXY-4,6-DIMETHYLPYRIDIN-3-YL)METHYL DIHYDROGEN PHOSPHATE'
3 non-polymer '(4S)-4,5-DIAMINOPENTANOIC ACID'
4 water water
#
_entity_poly.entity_id   1
_entity_poly.type   'polypeptide(L)'
_entity_poly.pdbx_seq_one_letter_code
;FKTIKSDEIFAAAQKLMPGGVSSPVRAFKSVGGQPIVFDRVKDAYAWDVDGNRYIDYVGTWGPAICGHAHPEVIEALKVA
MEKGTSFGAPCALENVLAEMVNDAVPSIEMVRFVNSGTEACMAVLRIMRAYTGRDKIIKFEGCYHGHADMFLVKAGSGVA
TLGLPSSPGVPKKTTANTLTTPYNDLEAVKALFAENPGEIAGVILEPIVGNSGFIVPDAGFLEGLREITLEHDALLVFDE
VMTGFRIAYGGVQEKFGVTPDLTTLGKIIGGGLPVGAYGGKREIMQLVAPAGPMYQAGTLSGNPLAMTAGIKTLELLRQP
GTYEYLDQITKRLSDGLLAIAQETGHAACGGQVSGMFGFFFTEGPVHNYEDAKKSDLQKFSRFHRGMLEQGIYLAPSQFE
AGFTSLAHTEEDIDATLAAARTVMSAL
;
_entity_poly.pdbx_strand_id   A,B
#
# COMPACT_ATOMS: atom_id res chain seq x y z
N PHE A 1 -28.05 25.73 -0.36
CA PHE A 1 -26.87 24.81 -0.26
C PHE A 1 -26.12 24.76 -1.59
N LYS A 2 -24.99 25.44 -1.66
CA LYS A 2 -24.21 25.48 -2.89
C LYS A 2 -23.03 24.51 -2.89
N THR A 3 -22.85 23.84 -4.03
CA THR A 3 -21.77 22.88 -4.22
C THR A 3 -21.14 23.13 -5.59
N ILE A 4 -21.13 24.39 -6.00
CA ILE A 4 -20.60 24.79 -7.30
C ILE A 4 -19.13 24.40 -7.52
N LYS A 5 -18.27 24.69 -6.54
CA LYS A 5 -16.85 24.38 -6.66
C LYS A 5 -16.59 22.87 -6.75
N SER A 6 -17.31 22.07 -5.96
CA SER A 6 -17.11 20.62 -5.99
C SER A 6 -17.50 20.01 -7.34
N ASP A 7 -18.57 20.51 -7.94
CA ASP A 7 -19.01 19.97 -9.22
C ASP A 7 -17.99 20.25 -10.33
N GLU A 8 -17.31 21.39 -10.23
CA GLU A 8 -16.29 21.76 -11.20
C GLU A 8 -15.10 20.80 -11.10
N ILE A 9 -14.59 20.65 -9.89
CA ILE A 9 -13.45 19.79 -9.63
C ILE A 9 -13.79 18.38 -10.07
N PHE A 10 -14.95 17.89 -9.62
CA PHE A 10 -15.38 16.54 -9.95
C PHE A 10 -15.58 16.33 -11.44
N ALA A 11 -16.15 17.32 -12.11
CA ALA A 11 -16.37 17.22 -13.55
C ALA A 11 -15.03 17.02 -14.26
N ALA A 12 -14.02 17.79 -13.87
CA ALA A 12 -12.69 17.69 -14.50
C ALA A 12 -11.96 16.41 -14.08
N ALA A 13 -12.27 15.92 -12.88
CA ALA A 13 -11.64 14.72 -12.37
C ALA A 13 -12.03 13.44 -13.12
N GLN A 14 -13.23 13.42 -13.70
CA GLN A 14 -13.70 12.25 -14.43
C GLN A 14 -12.98 12.02 -15.76
N LYS A 15 -12.28 13.05 -16.24
CA LYS A 15 -11.54 12.93 -17.49
C LYS A 15 -10.13 12.43 -17.21
N LEU A 16 -9.71 12.56 -15.95
CA LEU A 16 -8.37 12.17 -15.56
C LEU A 16 -8.26 10.83 -14.83
N MET A 17 -9.30 10.49 -14.06
CA MET A 17 -9.29 9.24 -13.30
C MET A 17 -10.60 8.47 -13.42
N PRO A 18 -10.54 7.14 -13.41
CA PRO A 18 -11.71 6.26 -13.52
C PRO A 18 -12.81 6.64 -12.53
N GLY A 19 -13.91 7.18 -13.03
CA GLY A 19 -15.01 7.58 -12.15
C GLY A 19 -14.66 8.79 -11.31
N GLY A 20 -13.63 9.53 -11.71
CA GLY A 20 -13.22 10.72 -10.98
C GLY A 20 -12.76 10.55 -9.54
N VAL A 21 -12.37 9.34 -9.14
CA VAL A 21 -11.94 9.10 -7.77
C VAL A 21 -10.76 8.12 -7.64
N SER A 22 -10.13 8.11 -6.46
CA SER A 22 -9.00 7.20 -6.21
C SER A 22 -9.50 5.93 -5.52
N SER A 23 -10.78 5.88 -5.19
CA SER A 23 -11.40 4.73 -4.53
C SER A 23 -12.92 4.78 -4.78
N PRO A 24 -13.50 3.69 -5.31
CA PRO A 24 -14.93 3.54 -5.63
C PRO A 24 -15.87 3.97 -4.51
N VAL A 25 -15.43 3.75 -3.28
CA VAL A 25 -16.23 4.10 -2.11
C VAL A 25 -16.60 5.58 -2.05
N ARG A 26 -15.79 6.43 -2.67
CA ARG A 26 -16.03 7.87 -2.67
C ARG A 26 -17.01 8.28 -3.76
N ALA A 27 -17.56 7.29 -4.46
CA ALA A 27 -18.48 7.50 -5.57
C ALA A 27 -19.76 8.34 -5.37
N PHE A 28 -20.60 7.97 -4.40
CA PHE A 28 -21.86 8.68 -4.19
C PHE A 28 -22.92 8.23 -5.20
N LYS A 29 -22.60 7.22 -5.99
CA LYS A 29 -23.51 6.73 -7.02
C LYS A 29 -24.83 6.18 -6.48
N SER A 30 -24.76 5.46 -5.38
CA SER A 30 -25.96 4.88 -4.79
C SER A 30 -26.65 5.84 -3.84
N VAL A 31 -26.23 7.10 -3.85
CA VAL A 31 -26.84 8.05 -2.94
C VAL A 31 -27.21 9.36 -3.65
N GLY A 32 -27.31 9.32 -4.98
CA GLY A 32 -27.68 10.51 -5.72
C GLY A 32 -26.58 11.19 -6.53
N GLY A 33 -25.39 10.59 -6.54
CA GLY A 33 -24.30 11.16 -7.30
C GLY A 33 -23.86 12.55 -6.85
N GLN A 34 -22.68 12.95 -7.31
CA GLN A 34 -22.10 14.24 -7.00
C GLN A 34 -21.56 14.38 -5.58
N PRO A 35 -20.28 14.00 -5.38
CA PRO A 35 -19.56 14.04 -4.11
C PRO A 35 -19.05 15.44 -3.80
N ILE A 36 -18.73 15.71 -2.55
CA ILE A 36 -18.19 17.02 -2.22
C ILE A 36 -16.68 16.89 -2.07
N VAL A 37 -15.95 17.86 -2.63
CA VAL A 37 -14.49 17.88 -2.58
C VAL A 37 -14.01 18.60 -1.32
N PHE A 38 -13.27 17.90 -0.46
CA PHE A 38 -12.78 18.48 0.79
C PHE A 38 -11.61 19.42 0.60
N ASP A 39 -11.54 20.45 1.43
CA ASP A 39 -10.44 21.41 1.40
C ASP A 39 -9.51 21.14 2.59
N ARG A 40 -10.09 20.90 3.77
CA ARG A 40 -9.30 20.63 4.97
C ARG A 40 -10.15 19.98 6.06
N VAL A 41 -9.49 19.38 7.06
CA VAL A 41 -10.17 18.73 8.18
C VAL A 41 -9.49 19.12 9.51
N LYS A 42 -10.24 19.09 10.60
CA LYS A 42 -9.68 19.41 11.91
C LYS A 42 -10.65 18.95 13.01
N ASP A 43 -10.10 18.25 14.00
CA ASP A 43 -10.88 17.73 15.11
C ASP A 43 -12.07 16.91 14.59
N ALA A 44 -13.30 17.35 14.86
CA ALA A 44 -14.45 16.60 14.40
C ALA A 44 -15.12 17.20 13.16
N TYR A 45 -14.43 18.12 12.50
CA TYR A 45 -15.02 18.80 11.35
C TYR A 45 -14.29 18.68 10.01
N ALA A 46 -15.03 18.93 8.94
CA ALA A 46 -14.50 18.91 7.57
C ALA A 46 -15.07 20.14 6.86
N TRP A 47 -14.34 20.65 5.88
CA TRP A 47 -14.75 21.85 5.13
C TRP A 47 -14.72 21.66 3.60
N ASP A 48 -15.79 22.10 2.94
CA ASP A 48 -15.93 22.05 1.48
C ASP A 48 -14.97 23.03 0.82
N VAL A 49 -14.78 22.88 -0.49
CA VAL A 49 -13.99 23.83 -1.24
C VAL A 49 -14.94 25.02 -1.46
N ASP A 50 -16.20 24.82 -1.08
CA ASP A 50 -17.25 25.84 -1.18
C ASP A 50 -17.48 26.57 0.16
N GLY A 51 -16.75 26.17 1.20
CA GLY A 51 -16.91 26.82 2.49
C GLY A 51 -17.84 26.17 3.50
N ASN A 52 -18.61 25.17 3.08
CA ASN A 52 -19.54 24.47 3.98
C ASN A 52 -18.76 23.69 5.03
N ARG A 53 -19.28 23.68 6.26
CA ARG A 53 -18.65 22.97 7.36
C ARG A 53 -19.55 21.80 7.82
N TYR A 54 -18.95 20.64 8.14
CA TYR A 54 -19.71 19.47 8.57
C TYR A 54 -19.15 18.79 9.80
N ILE A 55 -20.02 18.13 10.56
CA ILE A 55 -19.60 17.34 11.72
C ILE A 55 -19.40 16.00 11.00
N ASP A 56 -18.16 15.56 10.94
CA ASP A 56 -17.75 14.35 10.24
C ASP A 56 -17.88 13.05 11.05
N TYR A 57 -18.54 12.05 10.46
CA TYR A 57 -18.73 10.74 11.09
C TYR A 57 -18.11 9.62 10.23
N VAL A 58 -17.28 9.99 9.27
CA VAL A 58 -16.60 9.02 8.41
C VAL A 58 -15.15 8.87 8.92
N GLY A 59 -14.58 9.97 9.42
CA GLY A 59 -13.23 9.96 9.95
C GLY A 59 -12.18 9.35 9.01
N THR A 60 -12.18 9.83 7.77
CA THR A 60 -11.30 9.35 6.71
C THR A 60 -11.31 7.81 6.69
N TRP A 61 -12.49 7.28 7.03
CA TRP A 61 -12.79 5.85 7.06
C TRP A 61 -12.18 5.04 8.21
N GLY A 62 -11.89 5.70 9.32
CA GLY A 62 -11.34 4.98 10.47
C GLY A 62 -10.10 5.52 11.17
N PRO A 63 -9.08 5.99 10.41
CA PRO A 63 -7.85 6.51 11.02
C PRO A 63 -7.96 7.64 12.08
N ALA A 64 -8.90 8.56 11.88
CA ALA A 64 -9.06 9.72 12.76
C ALA A 64 -9.72 9.55 14.14
N ILE A 65 -9.37 8.50 14.86
CA ILE A 65 -9.95 8.26 16.18
C ILE A 65 -9.56 9.34 17.20
N CYS A 66 -8.43 10.01 16.97
CA CYS A 66 -8.01 11.07 17.89
C CYS A 66 -8.49 12.41 17.35
N GLY A 67 -9.19 12.37 16.22
CA GLY A 67 -9.67 13.60 15.63
C GLY A 67 -8.69 14.00 14.54
N HIS A 68 -9.17 14.74 13.56
CA HIS A 68 -8.32 15.19 12.45
C HIS A 68 -7.22 16.14 12.92
N ALA A 69 -6.06 16.05 12.28
CA ALA A 69 -4.93 16.92 12.59
C ALA A 69 -4.70 17.16 14.07
N HIS A 70 -4.59 16.09 14.86
CA HIS A 70 -4.36 16.26 16.28
C HIS A 70 -3.04 17.01 16.39
N PRO A 71 -3.01 18.10 17.19
CA PRO A 71 -1.78 18.90 17.34
C PRO A 71 -0.51 18.17 17.76
N GLU A 72 -0.63 17.11 18.57
CA GLU A 72 0.55 16.37 18.99
C GLU A 72 1.09 15.41 17.95
N VAL A 73 0.25 15.05 16.98
CA VAL A 73 0.68 14.14 15.93
C VAL A 73 1.40 14.97 14.85
N ILE A 74 0.89 16.17 14.60
CA ILE A 74 1.46 17.07 13.60
C ILE A 74 2.82 17.62 14.04
N GLU A 75 2.93 18.01 15.30
CA GLU A 75 4.18 18.56 15.81
C GLU A 75 5.27 17.49 15.73
N ALA A 76 4.89 16.25 16.03
CA ALA A 76 5.84 15.14 16.00
C ALA A 76 6.27 14.83 14.56
N LEU A 77 5.39 15.09 13.59
CA LEU A 77 5.74 14.85 12.19
C LEU A 77 6.69 15.93 11.67
N LYS A 78 6.46 17.19 12.05
CA LYS A 78 7.35 18.28 11.62
C LYS A 78 8.80 18.01 12.06
N VAL A 79 8.99 17.69 13.34
CA VAL A 79 10.32 17.41 13.87
C VAL A 79 10.98 16.22 13.17
N ALA A 80 10.19 15.19 12.89
CA ALA A 80 10.71 13.98 12.27
C ALA A 80 11.20 14.15 10.83
N MET A 81 10.43 14.82 9.97
CA MET A 81 10.85 14.94 8.59
C MET A 81 12.15 15.71 8.34
N GLU A 82 12.61 16.47 9.34
CA GLU A 82 13.87 17.21 9.18
C GLU A 82 15.00 16.22 8.94
N LYS A 83 14.81 15.00 9.43
CA LYS A 83 15.81 13.95 9.30
C LYS A 83 15.61 13.10 8.06
N GLY A 84 14.67 13.46 7.21
CA GLY A 84 14.44 12.67 6.02
C GLY A 84 13.21 11.80 6.20
N THR A 85 12.48 11.57 5.12
CA THR A 85 11.25 10.78 5.22
C THR A 85 11.35 9.28 5.00
N SER A 86 12.46 8.83 4.41
CA SER A 86 12.64 7.40 4.15
C SER A 86 14.13 7.04 4.10
N PHE A 87 14.51 5.91 4.69
CA PHE A 87 15.91 5.49 4.72
C PHE A 87 16.23 4.29 3.83
N GLY A 88 15.35 3.30 3.80
CA GLY A 88 15.61 2.11 3.00
C GLY A 88 16.57 1.21 3.76
N ALA A 89 16.63 1.44 5.07
CA ALA A 89 17.48 0.68 5.96
C ALA A 89 16.81 0.72 7.33
N PRO A 90 17.22 -0.16 8.25
CA PRO A 90 16.63 -0.20 9.60
C PRO A 90 16.73 1.13 10.33
N CYS A 91 15.79 1.38 11.24
CA CYS A 91 15.80 2.60 12.06
C CYS A 91 15.26 2.25 13.45
N ALA A 92 15.65 3.03 14.46
CA ALA A 92 15.20 2.80 15.83
C ALA A 92 13.67 2.81 16.02
N LEU A 93 12.97 3.70 15.32
CA LEU A 93 11.51 3.79 15.44
C LEU A 93 10.72 2.51 15.13
N GLU A 94 11.26 1.64 14.30
CA GLU A 94 10.58 0.39 13.95
C GLU A 94 10.52 -0.53 15.18
N ASN A 95 11.59 -0.54 15.97
CA ASN A 95 11.64 -1.34 17.17
C ASN A 95 10.59 -0.86 18.19
N VAL A 96 10.48 0.45 18.38
CA VAL A 96 9.53 1.02 19.32
C VAL A 96 8.07 0.69 18.99
N LEU A 97 7.64 0.99 17.77
CA LEU A 97 6.27 0.70 17.36
C LEU A 97 5.98 -0.80 17.49
N ALA A 98 6.96 -1.62 17.14
CA ALA A 98 6.78 -3.07 17.21
C ALA A 98 6.43 -3.55 18.63
N GLU A 99 7.12 -3.03 19.64
CA GLU A 99 6.86 -3.42 21.02
C GLU A 99 5.45 -3.03 21.43
N MET A 100 5.07 -1.80 21.12
CA MET A 100 3.74 -1.28 21.45
C MET A 100 2.63 -2.16 20.87
N VAL A 101 2.80 -2.65 19.65
CA VAL A 101 1.79 -3.50 19.04
C VAL A 101 1.71 -4.85 19.75
N ASN A 102 2.87 -5.44 20.07
CA ASN A 102 2.92 -6.73 20.74
C ASN A 102 2.24 -6.69 22.11
N ASP A 103 2.46 -5.61 22.86
CA ASP A 103 1.85 -5.49 24.18
C ASP A 103 0.36 -5.24 24.08
N ALA A 104 -0.07 -4.58 23.01
CA ALA A 104 -1.48 -4.25 22.82
C ALA A 104 -2.41 -5.37 22.33
N VAL A 105 -1.98 -6.14 21.34
CA VAL A 105 -2.82 -7.19 20.80
C VAL A 105 -2.45 -8.58 21.30
N PRO A 106 -3.36 -9.24 22.03
CA PRO A 106 -3.20 -10.57 22.63
C PRO A 106 -2.54 -11.63 21.75
N SER A 107 -3.01 -11.81 20.52
CA SER A 107 -2.43 -12.83 19.65
C SER A 107 -1.09 -12.54 18.97
N ILE A 108 -0.67 -11.28 18.98
CA ILE A 108 0.58 -10.89 18.33
C ILE A 108 1.83 -10.97 19.22
N GLU A 109 2.79 -11.80 18.79
CA GLU A 109 4.05 -11.99 19.49
C GLU A 109 5.21 -11.52 18.60
N MET A 110 4.96 -11.45 17.31
CA MET A 110 5.96 -11.01 16.33
C MET A 110 5.17 -10.28 15.23
N VAL A 111 5.68 -9.14 14.74
CA VAL A 111 4.96 -8.36 13.71
C VAL A 111 5.80 -7.99 12.51
N ARG A 112 5.12 -7.63 11.42
CA ARG A 112 5.77 -7.21 10.19
C ARG A 112 4.94 -6.06 9.61
N PHE A 113 5.59 -4.94 9.38
CA PHE A 113 4.90 -3.77 8.84
C PHE A 113 4.85 -3.73 7.32
N VAL A 114 3.70 -3.31 6.79
CA VAL A 114 3.50 -3.17 5.35
C VAL A 114 2.91 -1.77 5.14
N ASN A 115 2.49 -1.45 3.92
CA ASN A 115 1.95 -0.11 3.69
C ASN A 115 0.42 0.08 3.67
N SER A 116 -0.35 -1.01 3.68
CA SER A 116 -1.82 -0.89 3.69
C SER A 116 -2.52 -2.15 4.22
N GLY A 117 -3.83 -2.04 4.42
CA GLY A 117 -4.61 -3.17 4.90
C GLY A 117 -4.67 -4.26 3.85
N THR A 118 -4.75 -3.85 2.59
CA THR A 118 -4.78 -4.79 1.48
C THR A 118 -3.49 -5.60 1.49
N GLU A 119 -2.35 -4.93 1.68
CA GLU A 119 -1.06 -5.62 1.73
C GLU A 119 -1.00 -6.56 2.93
N ALA A 120 -1.63 -6.19 4.04
CA ALA A 120 -1.62 -7.02 5.23
C ALA A 120 -2.47 -8.28 5.04
N CYS A 121 -3.63 -8.13 4.41
CA CYS A 121 -4.50 -9.28 4.20
C CYS A 121 -3.94 -10.25 3.16
N MET A 122 -3.28 -9.71 2.15
CA MET A 122 -2.70 -10.56 1.12
C MET A 122 -1.57 -11.43 1.71
N ALA A 123 -0.72 -10.83 2.52
CA ALA A 123 0.38 -11.55 3.14
C ALA A 123 -0.09 -12.61 4.14
N VAL A 124 -1.10 -12.29 4.93
CA VAL A 124 -1.59 -13.26 5.91
C VAL A 124 -2.27 -14.43 5.19
N LEU A 125 -2.83 -14.16 4.00
CA LEU A 125 -3.49 -15.20 3.23
C LEU A 125 -2.40 -16.15 2.75
N ARG A 126 -1.30 -15.61 2.25
CA ARG A 126 -0.23 -16.47 1.76
C ARG A 126 0.48 -17.23 2.90
N ILE A 127 0.49 -16.66 4.10
CA ILE A 127 1.14 -17.32 5.24
C ILE A 127 0.24 -18.44 5.78
N MET A 128 -1.08 -18.25 5.71
CA MET A 128 -2.04 -19.26 6.16
C MET A 128 -1.80 -20.59 5.42
N ARG A 129 -1.64 -20.49 4.10
CA ARG A 129 -1.44 -21.65 3.25
C ARG A 129 -0.05 -22.27 3.41
N ALA A 130 0.96 -21.42 3.50
CA ALA A 130 2.34 -21.86 3.64
C ALA A 130 2.58 -22.64 4.94
N TYR A 131 1.91 -22.23 6.02
CA TYR A 131 2.07 -22.85 7.32
C TYR A 131 1.32 -24.17 7.54
N THR A 132 0.14 -24.29 6.94
CA THR A 132 -0.67 -25.49 7.10
C THR A 132 -0.53 -26.46 5.92
N GLY A 133 -0.02 -25.96 4.80
CA GLY A 133 0.12 -26.79 3.63
C GLY A 133 -1.19 -27.06 2.90
N ARG A 134 -2.22 -26.29 3.23
CA ARG A 134 -3.53 -26.44 2.59
C ARG A 134 -3.82 -25.26 1.65
N ASP A 135 -4.74 -25.45 0.71
CA ASP A 135 -5.04 -24.39 -0.25
C ASP A 135 -6.36 -23.64 -0.07
N LYS A 136 -7.36 -24.29 0.50
CA LYS A 136 -8.65 -23.63 0.65
C LYS A 136 -8.79 -22.72 1.86
N ILE A 137 -9.62 -21.70 1.68
CA ILE A 137 -9.88 -20.67 2.67
C ILE A 137 -11.39 -20.48 2.83
N ILE A 138 -11.83 -20.08 4.01
CA ILE A 138 -13.25 -19.83 4.24
C ILE A 138 -13.45 -18.36 4.58
N LYS A 139 -14.32 -17.68 3.83
CA LYS A 139 -14.63 -16.28 4.10
C LYS A 139 -16.14 -16.13 4.11
N PHE A 140 -16.63 -15.12 4.82
CA PHE A 140 -18.06 -14.88 4.93
C PHE A 140 -18.59 -13.89 3.92
N GLU A 141 -19.85 -14.07 3.56
CA GLU A 141 -20.53 -13.20 2.61
C GLU A 141 -20.78 -11.86 3.28
N GLY A 142 -20.37 -10.78 2.63
CA GLY A 142 -20.57 -9.46 3.18
C GLY A 142 -19.30 -8.86 3.79
N CYS A 143 -18.28 -9.67 3.98
CA CYS A 143 -17.03 -9.19 4.54
C CYS A 143 -16.06 -8.71 3.46
N TYR A 144 -15.17 -7.79 3.81
CA TYR A 144 -14.19 -7.26 2.87
C TYR A 144 -12.77 -7.26 3.46
N HIS A 145 -11.80 -7.82 2.73
CA HIS A 145 -10.42 -7.87 3.20
C HIS A 145 -9.44 -7.36 2.15
N GLY A 146 -9.72 -6.20 1.56
CA GLY A 146 -8.83 -5.67 0.54
C GLY A 146 -9.15 -6.31 -0.80
N HIS A 147 -8.42 -5.95 -1.86
CA HIS A 147 -8.72 -6.50 -3.18
C HIS A 147 -7.81 -7.56 -3.77
N ALA A 148 -7.20 -8.40 -2.95
CA ALA A 148 -6.37 -9.47 -3.48
C ALA A 148 -7.34 -10.45 -4.18
N ASP A 149 -6.93 -10.99 -5.32
CA ASP A 149 -7.75 -11.90 -6.11
C ASP A 149 -8.66 -12.88 -5.37
N MET A 150 -8.11 -13.70 -4.49
CA MET A 150 -8.92 -14.68 -3.76
C MET A 150 -10.05 -14.09 -2.90
N PHE A 151 -9.91 -12.82 -2.52
CA PHE A 151 -10.91 -12.17 -1.69
C PHE A 151 -12.09 -11.57 -2.45
N LEU A 152 -11.97 -11.41 -3.77
CA LEU A 152 -13.08 -10.84 -4.55
C LEU A 152 -14.21 -11.85 -4.79
N VAL A 153 -14.79 -12.34 -3.69
CA VAL A 153 -15.90 -13.28 -3.75
C VAL A 153 -16.92 -12.88 -2.68
N LYS A 154 -18.11 -12.47 -3.11
CA LYS A 154 -19.16 -12.03 -2.19
C LYS A 154 -18.64 -11.02 -1.16
N ALA A 155 -17.92 -10.01 -1.67
CA ALA A 155 -17.34 -8.96 -0.84
C ALA A 155 -18.33 -7.86 -0.51
N GLY A 156 -18.04 -7.13 0.56
CA GLY A 156 -18.90 -6.03 0.96
C GLY A 156 -18.29 -4.72 0.52
N SER A 157 -18.41 -3.70 1.35
CA SER A 157 -17.85 -2.38 1.05
C SER A 157 -18.38 -1.85 -0.29
N GLY A 158 -17.50 -1.27 -1.10
CA GLY A 158 -17.90 -0.71 -2.38
C GLY A 158 -18.67 -1.63 -3.31
N VAL A 159 -18.25 -2.89 -3.40
CA VAL A 159 -18.90 -3.87 -4.26
C VAL A 159 -20.39 -3.97 -3.93
N ALA A 160 -20.70 -4.07 -2.65
CA ALA A 160 -22.09 -4.16 -2.20
C ALA A 160 -22.81 -2.88 -2.61
N THR A 161 -22.30 -1.76 -2.11
CA THR A 161 -22.87 -0.44 -2.40
C THR A 161 -23.11 -0.23 -3.89
N LEU A 162 -22.19 -0.67 -4.71
CA LEU A 162 -22.30 -0.52 -6.16
C LEU A 162 -23.04 -1.68 -6.81
N GLY A 163 -23.36 -2.71 -6.02
CA GLY A 163 -24.06 -3.86 -6.56
C GLY A 163 -23.29 -4.53 -7.68
N LEU A 164 -22.01 -4.80 -7.45
CA LEU A 164 -21.17 -5.45 -8.44
C LEU A 164 -21.12 -6.94 -8.15
N PRO A 165 -20.82 -7.75 -9.18
CA PRO A 165 -20.73 -9.21 -9.02
C PRO A 165 -19.27 -9.53 -8.70
N SER A 166 -18.93 -10.80 -8.52
CA SER A 166 -17.55 -11.16 -8.26
C SER A 166 -16.73 -10.60 -9.43
N SER A 167 -15.80 -9.70 -9.11
CA SER A 167 -14.96 -9.04 -10.10
C SER A 167 -14.33 -9.89 -11.20
N PRO A 168 -14.27 -9.36 -12.43
CA PRO A 168 -13.70 -10.04 -13.59
C PRO A 168 -12.19 -9.76 -13.63
N GLY A 169 -11.45 -10.59 -14.35
CA GLY A 169 -10.01 -10.39 -14.43
C GLY A 169 -9.29 -11.34 -13.50
N VAL A 170 -10.05 -12.10 -12.71
CA VAL A 170 -9.48 -13.06 -11.79
C VAL A 170 -9.85 -14.48 -12.22
N PRO A 171 -8.84 -15.30 -12.53
CA PRO A 171 -8.99 -16.69 -12.97
C PRO A 171 -9.85 -17.55 -12.05
N LYS A 172 -10.77 -18.30 -12.66
CA LYS A 172 -11.66 -19.17 -11.90
C LYS A 172 -10.91 -20.23 -11.12
N LYS A 173 -9.70 -20.57 -11.56
CA LYS A 173 -8.91 -21.58 -10.87
C LYS A 173 -8.37 -21.08 -9.52
N THR A 174 -8.30 -19.76 -9.35
CA THR A 174 -7.82 -19.22 -8.08
C THR A 174 -8.99 -19.00 -7.12
N THR A 175 -10.16 -18.64 -7.64
CA THR A 175 -11.32 -18.43 -6.78
C THR A 175 -11.94 -19.74 -6.34
N ALA A 176 -11.53 -20.83 -6.98
CA ALA A 176 -12.06 -22.14 -6.64
C ALA A 176 -11.65 -22.49 -5.22
N ASN A 177 -10.57 -21.86 -4.75
CA ASN A 177 -10.05 -22.11 -3.41
C ASN A 177 -10.71 -21.27 -2.32
N THR A 178 -11.73 -20.52 -2.69
CA THR A 178 -12.42 -19.68 -1.73
C THR A 178 -13.81 -20.18 -1.43
N LEU A 179 -14.02 -20.62 -0.20
CA LEU A 179 -15.31 -21.13 0.23
C LEU A 179 -16.03 -20.06 1.05
N THR A 180 -17.31 -19.85 0.77
CA THR A 180 -18.09 -18.84 1.48
C THR A 180 -19.23 -19.42 2.28
N THR A 181 -19.81 -18.59 3.14
CA THR A 181 -20.92 -18.99 3.99
C THR A 181 -21.52 -17.75 4.66
N PRO A 182 -22.80 -17.81 5.05
CA PRO A 182 -23.40 -16.64 5.69
C PRO A 182 -22.77 -16.32 7.05
N TYR A 183 -22.80 -15.03 7.41
CA TYR A 183 -22.24 -14.61 8.69
C TYR A 183 -23.16 -15.08 9.81
N ASN A 184 -22.58 -15.39 10.97
CA ASN A 184 -23.35 -15.87 12.14
C ASN A 184 -23.93 -17.29 11.99
N ASP A 185 -23.56 -17.99 10.93
CA ASP A 185 -24.07 -19.34 10.68
C ASP A 185 -23.04 -20.44 11.01
N LEU A 186 -23.02 -20.91 12.26
CA LEU A 186 -22.07 -21.96 12.65
C LEU A 186 -22.26 -23.27 11.90
N GLU A 187 -23.53 -23.64 11.69
CA GLU A 187 -23.86 -24.88 11.00
C GLU A 187 -23.31 -24.93 9.58
N ALA A 188 -23.37 -23.81 8.86
CA ALA A 188 -22.87 -23.76 7.49
C ALA A 188 -21.37 -23.98 7.48
N VAL A 189 -20.70 -23.51 8.53
CA VAL A 189 -19.26 -23.66 8.67
C VAL A 189 -18.86 -25.11 8.93
N LYS A 190 -19.65 -25.82 9.74
CA LYS A 190 -19.36 -27.23 10.03
C LYS A 190 -19.49 -28.08 8.76
N ALA A 191 -20.52 -27.80 7.96
CA ALA A 191 -20.73 -28.55 6.72
C ALA A 191 -19.51 -28.43 5.81
N LEU A 192 -19.05 -27.20 5.61
CA LEU A 192 -17.89 -26.97 4.76
C LEU A 192 -16.71 -27.84 5.19
N PHE A 193 -16.46 -27.92 6.50
CA PHE A 193 -15.37 -28.75 6.98
C PHE A 193 -15.65 -30.21 6.67
N ALA A 194 -16.89 -30.64 6.91
CA ALA A 194 -17.30 -32.02 6.68
C ALA A 194 -17.08 -32.46 5.23
N GLU A 195 -17.39 -31.59 4.28
CA GLU A 195 -17.23 -31.89 2.86
C GLU A 195 -15.83 -31.67 2.32
N ASN A 196 -14.92 -31.14 3.14
CA ASN A 196 -13.57 -30.88 2.66
C ASN A 196 -12.47 -31.31 3.63
N PRO A 197 -12.53 -32.54 4.13
CA PRO A 197 -11.50 -32.99 5.06
C PRO A 197 -10.06 -32.78 4.57
N GLY A 198 -9.23 -32.21 5.44
CA GLY A 198 -7.84 -31.98 5.12
C GLY A 198 -7.53 -30.96 4.04
N GLU A 199 -8.46 -30.07 3.73
CA GLU A 199 -8.22 -29.06 2.69
C GLU A 199 -8.29 -27.60 3.15
N ILE A 200 -8.97 -27.34 4.27
CA ILE A 200 -9.13 -25.97 4.76
C ILE A 200 -7.92 -25.44 5.54
N ALA A 201 -7.32 -24.36 5.05
CA ALA A 201 -6.18 -23.76 5.72
C ALA A 201 -6.67 -23.03 6.98
N GLY A 202 -7.76 -22.30 6.85
CA GLY A 202 -8.31 -21.59 7.99
C GLY A 202 -9.50 -20.71 7.66
N VAL A 203 -9.96 -19.94 8.66
CA VAL A 203 -11.09 -19.05 8.48
C VAL A 203 -10.70 -17.58 8.74
N ILE A 204 -11.10 -16.68 7.85
CA ILE A 204 -10.80 -15.26 8.03
C ILE A 204 -12.12 -14.50 8.08
N LEU A 205 -12.22 -13.53 8.99
CA LEU A 205 -13.43 -12.74 9.13
C LEU A 205 -13.23 -11.45 9.89
N GLU A 206 -14.24 -10.60 9.85
CA GLU A 206 -14.23 -9.35 10.59
C GLU A 206 -14.88 -9.73 11.92
N PRO A 207 -14.11 -9.75 13.02
CA PRO A 207 -14.67 -10.11 14.34
C PRO A 207 -16.02 -9.42 14.55
N ILE A 208 -16.11 -8.15 14.16
CA ILE A 208 -17.37 -7.41 14.19
C ILE A 208 -17.42 -6.79 12.80
N VAL A 209 -18.44 -7.14 12.04
CA VAL A 209 -18.58 -6.65 10.68
C VAL A 209 -18.80 -5.16 10.58
N GLY A 210 -18.17 -4.55 9.58
CA GLY A 210 -18.32 -3.12 9.35
C GLY A 210 -18.52 -2.78 7.88
N ASN A 211 -18.28 -3.74 6.99
CA ASN A 211 -18.41 -3.50 5.54
C ASN A 211 -19.68 -3.99 4.83
N SER A 212 -20.78 -4.07 5.56
CA SER A 212 -22.07 -4.45 4.99
C SER A 212 -23.06 -4.02 6.06
N GLY A 213 -22.75 -2.87 6.67
CA GLY A 213 -23.57 -2.35 7.74
C GLY A 213 -22.88 -2.76 9.02
N PHE A 214 -23.38 -2.31 10.16
CA PHE A 214 -22.79 -2.67 11.44
C PHE A 214 -23.45 -3.96 11.93
N ILE A 215 -22.67 -5.03 12.02
CA ILE A 215 -23.19 -6.32 12.47
C ILE A 215 -22.32 -6.93 13.57
N VAL A 216 -22.95 -7.33 14.66
CA VAL A 216 -22.24 -7.94 15.78
C VAL A 216 -22.43 -9.46 15.76
N PRO A 217 -21.44 -10.21 16.27
CA PRO A 217 -21.59 -11.67 16.26
C PRO A 217 -22.60 -12.18 17.30
N ASP A 218 -23.33 -13.23 16.97
CA ASP A 218 -24.30 -13.82 17.89
C ASP A 218 -23.57 -14.50 19.03
N ALA A 219 -24.27 -14.74 20.13
CA ALA A 219 -23.66 -15.41 21.28
C ALA A 219 -23.15 -16.76 20.84
N GLY A 220 -21.88 -17.04 21.16
CA GLY A 220 -21.30 -18.32 20.81
C GLY A 220 -20.71 -18.48 19.42
N PHE A 221 -20.89 -17.49 18.55
CA PHE A 221 -20.36 -17.60 17.20
C PHE A 221 -18.83 -17.58 17.11
N LEU A 222 -18.21 -16.60 17.76
CA LEU A 222 -16.74 -16.50 17.74
C LEU A 222 -16.13 -17.68 18.48
N GLU A 223 -16.67 -18.01 19.65
CA GLU A 223 -16.19 -19.15 20.42
C GLU A 223 -16.31 -20.43 19.58
N GLY A 224 -17.42 -20.54 18.86
CA GLY A 224 -17.66 -21.71 18.02
C GLY A 224 -16.64 -21.86 16.91
N LEU A 225 -16.31 -20.76 16.24
CA LEU A 225 -15.32 -20.78 15.16
C LEU A 225 -13.95 -21.15 15.72
N ARG A 226 -13.66 -20.70 16.93
CA ARG A 226 -12.39 -20.99 17.56
C ARG A 226 -12.32 -22.48 17.91
N GLU A 227 -13.46 -23.06 18.28
CA GLU A 227 -13.53 -24.45 18.63
C GLU A 227 -13.33 -25.40 17.44
N ILE A 228 -14.06 -25.18 16.35
CA ILE A 228 -13.91 -26.06 15.20
C ILE A 228 -12.60 -25.91 14.41
N THR A 229 -11.94 -24.75 14.50
CA THR A 229 -10.67 -24.57 13.79
C THR A 229 -9.58 -25.35 14.53
N LEU A 230 -9.71 -25.48 15.85
CA LEU A 230 -8.75 -26.23 16.64
C LEU A 230 -8.92 -27.72 16.32
N GLU A 231 -10.16 -28.15 16.20
CA GLU A 231 -10.46 -29.55 15.89
C GLU A 231 -9.79 -30.06 14.62
N HIS A 232 -9.84 -29.26 13.55
CA HIS A 232 -9.27 -29.66 12.27
C HIS A 232 -7.89 -29.10 11.93
N ASP A 233 -7.17 -28.61 12.94
CA ASP A 233 -5.85 -28.03 12.71
C ASP A 233 -5.90 -26.92 11.66
N ALA A 234 -6.89 -26.04 11.76
CA ALA A 234 -7.00 -24.93 10.84
C ALA A 234 -6.74 -23.64 11.61
N LEU A 235 -6.35 -22.58 10.89
CA LEU A 235 -6.08 -21.31 11.54
C LEU A 235 -7.30 -20.39 11.60
N LEU A 236 -7.38 -19.61 12.68
CA LEU A 236 -8.46 -18.64 12.87
C LEU A 236 -7.80 -17.26 12.69
N VAL A 237 -8.18 -16.54 11.64
CA VAL A 237 -7.60 -15.21 11.39
C VAL A 237 -8.60 -14.07 11.55
N PHE A 238 -8.23 -13.07 12.35
CA PHE A 238 -9.07 -11.91 12.59
C PHE A 238 -8.60 -10.68 11.80
N ASP A 239 -9.46 -10.17 10.93
CA ASP A 239 -9.13 -8.96 10.18
C ASP A 239 -9.64 -7.81 11.04
N GLU A 240 -8.73 -7.16 11.77
CA GLU A 240 -9.09 -6.04 12.64
C GLU A 240 -8.56 -4.71 12.10
N VAL A 241 -8.43 -4.63 10.77
CA VAL A 241 -7.95 -3.42 10.14
C VAL A 241 -8.83 -2.24 10.53
N MET A 242 -10.13 -2.50 10.66
CA MET A 242 -11.10 -1.46 11.02
C MET A 242 -11.42 -1.44 12.51
N THR A 243 -11.48 -2.61 13.14
CA THR A 243 -11.83 -2.70 14.56
C THR A 243 -10.66 -2.56 15.52
N GLY A 244 -9.45 -2.85 15.06
CA GLY A 244 -8.28 -2.75 15.92
C GLY A 244 -8.13 -1.35 16.49
N PHE A 245 -7.86 -1.26 17.78
CA PHE A 245 -7.68 0.01 18.47
C PHE A 245 -8.92 0.92 18.53
N ARG A 246 -10.05 0.46 17.97
CA ARG A 246 -11.28 1.24 18.01
C ARG A 246 -12.29 0.62 18.99
N ILE A 247 -12.62 -0.66 18.80
CA ILE A 247 -13.55 -1.35 19.70
C ILE A 247 -12.92 -1.46 21.10
N ALA A 248 -11.58 -1.46 21.12
CA ALA A 248 -10.79 -1.54 22.34
C ALA A 248 -9.32 -1.45 21.94
N TYR A 249 -8.45 -1.14 22.90
CA TYR A 249 -7.01 -1.02 22.62
C TYR A 249 -6.48 -2.31 21.99
N GLY A 250 -7.00 -3.45 22.44
CA GLY A 250 -6.57 -4.72 21.90
C GLY A 250 -7.56 -5.28 20.88
N GLY A 251 -8.46 -4.43 20.39
CA GLY A 251 -9.45 -4.86 19.42
C GLY A 251 -10.56 -5.76 19.95
N VAL A 252 -11.35 -6.32 19.03
CA VAL A 252 -12.45 -7.20 19.40
C VAL A 252 -11.94 -8.42 20.16
N GLN A 253 -10.81 -8.99 19.72
CA GLN A 253 -10.28 -10.16 20.42
C GLN A 253 -10.09 -9.94 21.90
N GLU A 254 -9.78 -8.71 22.30
CA GLU A 254 -9.59 -8.42 23.71
C GLU A 254 -10.93 -8.23 24.40
N LYS A 255 -11.83 -7.50 23.76
CA LYS A 255 -13.13 -7.24 24.35
C LYS A 255 -14.04 -8.46 24.53
N PHE A 256 -14.06 -9.35 23.56
CA PHE A 256 -14.91 -10.52 23.65
C PHE A 256 -14.21 -11.79 24.13
N GLY A 257 -12.95 -11.66 24.51
CA GLY A 257 -12.20 -12.78 25.04
C GLY A 257 -11.77 -13.96 24.18
N VAL A 258 -11.81 -13.85 22.86
CA VAL A 258 -11.39 -14.96 22.00
C VAL A 258 -10.05 -14.64 21.29
N THR A 259 -9.11 -15.56 21.34
CA THR A 259 -7.79 -15.35 20.73
C THR A 259 -7.51 -16.12 19.44
N PRO A 260 -7.31 -15.40 18.32
CA PRO A 260 -7.01 -16.00 17.02
C PRO A 260 -5.52 -16.37 16.88
N ASP A 261 -5.14 -16.92 15.74
CA ASP A 261 -3.75 -17.31 15.52
C ASP A 261 -2.96 -16.22 14.80
N LEU A 262 -3.66 -15.40 14.02
CA LEU A 262 -3.06 -14.33 13.24
C LEU A 262 -4.09 -13.21 13.12
N THR A 263 -3.64 -11.96 13.15
CA THR A 263 -4.57 -10.84 12.99
C THR A 263 -3.94 -9.76 12.11
N THR A 264 -4.79 -9.03 11.38
CA THR A 264 -4.29 -7.96 10.52
C THR A 264 -4.61 -6.60 11.12
N LEU A 265 -3.83 -5.58 10.76
CA LEU A 265 -4.01 -4.22 11.28
C LEU A 265 -3.80 -3.15 10.21
N GLY A 266 -4.46 -2.01 10.39
CA GLY A 266 -4.34 -0.92 9.46
C GLY A 266 -4.98 0.34 10.01
N LYS A 267 -5.24 1.30 9.12
CA LYS A 267 -5.87 2.55 9.49
C LYS A 267 -5.26 3.26 10.69
N ILE A 268 -5.86 3.11 11.87
CA ILE A 268 -5.36 3.76 13.07
C ILE A 268 -3.86 3.60 13.35
N ILE A 269 -3.27 2.44 13.04
CA ILE A 269 -1.83 2.27 13.27
C ILE A 269 -1.00 3.29 12.50
N GLY A 270 -1.59 3.87 11.45
CA GLY A 270 -0.88 4.84 10.64
C GLY A 270 -1.14 6.28 11.05
N GLY A 271 -2.08 6.47 11.97
CA GLY A 271 -2.40 7.80 12.44
C GLY A 271 -2.68 8.83 11.34
N GLY A 272 -2.93 8.35 10.13
CA GLY A 272 -3.18 9.29 9.06
C GLY A 272 -2.29 9.12 7.85
N LEU A 273 -1.26 8.27 7.97
CA LEU A 273 -0.33 8.00 6.89
C LEU A 273 -0.57 6.56 6.46
N PRO A 274 -0.01 6.14 5.31
CA PRO A 274 -0.21 4.75 4.85
C PRO A 274 0.55 3.69 5.66
N VAL A 275 -0.17 2.86 6.42
CA VAL A 275 0.47 1.80 7.21
C VAL A 275 -0.43 0.57 7.39
N GLY A 276 0.20 -0.59 7.54
CA GLY A 276 -0.53 -1.83 7.75
C GLY A 276 0.37 -2.77 8.51
N ALA A 277 -0.15 -3.92 8.93
CA ALA A 277 0.67 -4.88 9.66
C ALA A 277 -0.02 -6.21 9.88
N TYR A 278 0.78 -7.25 10.05
CA TYR A 278 0.24 -8.58 10.30
C TYR A 278 1.19 -9.29 11.25
N GLY A 279 0.64 -9.96 12.24
CA GLY A 279 1.45 -10.67 13.22
C GLY A 279 0.62 -11.74 13.88
N GLY A 280 1.25 -12.51 14.77
CA GLY A 280 0.53 -13.57 15.46
C GLY A 280 1.47 -14.48 16.21
N LYS A 281 1.16 -15.76 16.22
CA LYS A 281 1.97 -16.76 16.90
C LYS A 281 3.39 -16.77 16.32
N ARG A 282 4.38 -16.74 17.20
CA ARG A 282 5.77 -16.71 16.79
C ARG A 282 6.17 -17.85 15.87
N GLU A 283 5.68 -19.05 16.16
CA GLU A 283 6.00 -20.21 15.33
C GLU A 283 5.44 -20.06 13.91
N ILE A 284 4.50 -19.16 13.72
CA ILE A 284 3.95 -18.94 12.39
C ILE A 284 4.73 -17.84 11.67
N MET A 285 5.01 -16.75 12.36
CA MET A 285 5.75 -15.63 11.77
C MET A 285 7.19 -15.99 11.36
N GLN A 286 7.72 -17.07 11.92
CA GLN A 286 9.07 -17.51 11.59
C GLN A 286 9.26 -17.88 10.12
N LEU A 287 8.16 -18.16 9.41
CA LEU A 287 8.23 -18.52 8.00
C LEU A 287 8.41 -17.32 7.06
N VAL A 288 8.28 -16.11 7.59
CA VAL A 288 8.42 -14.90 6.77
C VAL A 288 9.90 -14.56 6.55
N ALA A 289 10.27 -14.21 5.32
CA ALA A 289 11.66 -13.86 5.01
C ALA A 289 12.06 -12.54 5.69
N PRO A 290 13.36 -12.37 5.97
CA PRO A 290 14.48 -13.27 5.72
C PRO A 290 14.66 -14.43 6.71
N ALA A 291 13.77 -14.55 7.69
CA ALA A 291 13.87 -15.62 8.68
C ALA A 291 13.47 -16.95 8.08
N GLY A 292 12.51 -16.92 7.16
CA GLY A 292 12.03 -18.14 6.53
C GLY A 292 11.93 -18.07 5.02
N PRO A 293 11.26 -19.06 4.39
CA PRO A 293 11.06 -19.19 2.95
C PRO A 293 10.01 -18.34 2.25
N MET A 294 9.03 -17.80 2.97
CA MET A 294 8.00 -16.99 2.29
C MET A 294 8.44 -15.54 2.08
N TYR A 295 8.70 -15.19 0.82
CA TYR A 295 9.15 -13.85 0.46
C TYR A 295 8.03 -12.81 0.46
N GLN A 296 8.31 -11.66 1.08
CA GLN A 296 7.37 -10.56 1.14
C GLN A 296 8.17 -9.29 1.47
N ALA A 297 8.20 -8.35 0.53
CA ALA A 297 8.96 -7.11 0.71
C ALA A 297 8.17 -5.84 0.44
N GLY A 298 8.81 -4.71 0.71
CA GLY A 298 8.18 -3.41 0.51
C GLY A 298 9.22 -2.32 0.70
N THR A 299 9.33 -1.43 -0.27
CA THR A 299 10.31 -0.34 -0.24
C THR A 299 10.11 0.68 0.89
N LEU A 300 8.90 1.19 1.02
CA LEU A 300 8.57 2.19 2.04
C LEU A 300 8.14 1.60 3.38
N SER A 301 8.11 0.27 3.48
CA SER A 301 7.70 -0.39 4.72
C SER A 301 8.57 0.04 5.89
N GLY A 302 7.93 0.51 6.96
CA GLY A 302 8.65 0.92 8.15
C GLY A 302 9.39 2.25 8.07
N ASN A 303 8.98 3.15 7.19
CA ASN A 303 9.66 4.43 7.11
C ASN A 303 9.44 5.23 8.39
N PRO A 304 10.42 6.05 8.78
CA PRO A 304 10.33 6.87 10.00
C PRO A 304 9.11 7.77 10.16
N LEU A 305 8.61 8.36 9.07
CA LEU A 305 7.43 9.23 9.16
C LEU A 305 6.21 8.47 9.68
N ALA A 306 5.86 7.38 9.00
CA ALA A 306 4.71 6.56 9.40
C ALA A 306 4.86 5.97 10.81
N MET A 307 6.07 5.52 11.15
CA MET A 307 6.30 4.94 12.47
C MET A 307 6.00 6.01 13.53
N THR A 308 6.52 7.22 13.31
CA THR A 308 6.32 8.36 14.21
C THR A 308 4.83 8.64 14.45
N ALA A 309 4.04 8.59 13.37
CA ALA A 309 2.61 8.86 13.48
C ALA A 309 1.86 7.76 14.22
N GLY A 310 2.30 6.52 14.05
CA GLY A 310 1.66 5.41 14.72
C GLY A 310 1.97 5.42 16.21
N ILE A 311 3.24 5.64 16.52
CA ILE A 311 3.69 5.69 17.90
C ILE A 311 2.88 6.72 18.69
N LYS A 312 2.84 7.95 18.19
CA LYS A 312 2.11 9.03 18.84
C LYS A 312 0.60 8.77 19.00
N THR A 313 -0.01 8.13 18.00
CA THR A 313 -1.44 7.86 18.07
C THR A 313 -1.74 6.85 19.17
N LEU A 314 -0.93 5.80 19.28
CA LEU A 314 -1.16 4.81 20.33
C LEU A 314 -0.95 5.38 21.74
N GLU A 315 0.00 6.31 21.89
CA GLU A 315 0.26 6.92 23.19
C GLU A 315 -0.94 7.70 23.68
N LEU A 316 -1.62 8.40 22.77
CA LEU A 316 -2.80 9.18 23.12
C LEU A 316 -3.94 8.24 23.54
N LEU A 317 -4.06 7.12 22.83
CA LEU A 317 -5.11 6.15 23.13
C LEU A 317 -4.90 5.42 24.45
N ARG A 318 -3.68 5.44 24.97
CA ARG A 318 -3.40 4.77 26.24
C ARG A 318 -3.86 5.54 27.46
N GLN A 319 -4.15 6.82 27.30
CA GLN A 319 -4.63 7.64 28.42
C GLN A 319 -5.93 7.08 28.98
N PRO A 320 -6.10 7.12 30.31
CA PRO A 320 -7.32 6.61 30.94
C PRO A 320 -8.59 7.37 30.53
N GLY A 321 -9.71 6.65 30.49
CA GLY A 321 -10.97 7.26 30.12
C GLY A 321 -11.29 7.30 28.65
N THR A 322 -10.29 7.01 27.82
CA THR A 322 -10.42 7.01 26.37
C THR A 322 -11.58 6.20 25.79
N TYR A 323 -11.60 4.90 26.04
CA TYR A 323 -12.66 4.05 25.51
C TYR A 323 -14.03 4.24 26.18
N GLU A 324 -14.03 4.74 27.42
CA GLU A 324 -15.27 4.99 28.14
C GLU A 324 -15.98 6.20 27.53
N TYR A 325 -15.22 7.23 27.20
CA TYR A 325 -15.81 8.42 26.60
C TYR A 325 -16.43 8.06 25.25
N LEU A 326 -15.73 7.23 24.47
CA LEU A 326 -16.22 6.81 23.17
C LEU A 326 -17.53 6.05 23.25
N ASP A 327 -17.65 5.17 24.25
CA ASP A 327 -18.88 4.38 24.42
C ASP A 327 -20.04 5.27 24.83
N GLN A 328 -19.77 6.14 25.80
CA GLN A 328 -20.75 7.08 26.32
C GLN A 328 -21.41 7.96 25.25
N ILE A 329 -20.61 8.69 24.47
CA ILE A 329 -21.17 9.57 23.44
C ILE A 329 -21.74 8.85 22.21
N THR A 330 -21.27 7.64 21.95
CA THR A 330 -21.75 6.89 20.79
C THR A 330 -23.08 6.22 21.09
N LYS A 331 -23.25 5.79 22.34
CA LYS A 331 -24.48 5.15 22.76
C LYS A 331 -25.62 6.16 22.75
N ARG A 332 -25.30 7.39 23.13
CA ARG A 332 -26.31 8.44 23.15
C ARG A 332 -26.72 8.81 21.74
N LEU A 333 -25.79 8.68 20.79
CA LEU A 333 -26.05 8.99 19.39
C LEU A 333 -26.90 7.87 18.78
N SER A 334 -26.50 6.63 19.05
CA SER A 334 -27.21 5.49 18.50
C SER A 334 -28.65 5.41 19.03
N ASP A 335 -28.83 5.49 20.35
CA ASP A 335 -30.15 5.43 20.95
C ASP A 335 -31.04 6.57 20.45
N GLY A 336 -30.47 7.77 20.41
CA GLY A 336 -31.21 8.92 19.94
C GLY A 336 -31.76 8.73 18.54
N LEU A 337 -30.91 8.30 17.62
CA LEU A 337 -31.31 8.08 16.24
C LEU A 337 -32.47 7.07 16.19
N LEU A 338 -32.40 6.05 17.02
CA LEU A 338 -33.46 5.03 17.06
C LEU A 338 -34.76 5.58 17.65
N ALA A 339 -34.65 6.45 18.65
CA ALA A 339 -35.84 7.04 19.26
C ALA A 339 -36.53 7.93 18.24
N ILE A 340 -35.76 8.65 17.43
CA ILE A 340 -36.32 9.56 16.44
C ILE A 340 -37.03 8.86 15.27
N ALA A 341 -36.53 7.71 14.84
CA ALA A 341 -37.19 7.00 13.74
C ALA A 341 -38.55 6.55 14.28
N GLN A 342 -38.54 6.13 15.55
CA GLN A 342 -39.73 5.66 16.25
C GLN A 342 -40.84 6.70 16.27
N GLU A 343 -40.51 7.93 16.70
CA GLU A 343 -41.48 9.01 16.78
C GLU A 343 -41.98 9.54 15.45
N THR A 344 -41.16 9.48 14.42
CA THR A 344 -41.55 9.98 13.11
C THR A 344 -42.22 8.89 12.28
N GLY A 345 -42.31 7.68 12.85
CA GLY A 345 -42.96 6.58 12.17
C GLY A 345 -42.15 5.81 11.15
N HIS A 346 -40.87 5.57 11.41
CA HIS A 346 -40.03 4.82 10.48
C HIS A 346 -39.43 3.57 11.07
N ALA A 347 -39.55 2.47 10.33
CA ALA A 347 -38.98 1.21 10.77
C ALA A 347 -37.46 1.38 10.69
N ALA A 348 -36.76 0.98 11.75
CA ALA A 348 -35.31 1.09 11.80
C ALA A 348 -34.73 0.26 12.94
N CYS A 349 -33.43 0.01 12.89
CA CYS A 349 -32.74 -0.76 13.91
C CYS A 349 -31.24 -0.53 13.79
N GLY A 350 -30.53 -0.72 14.88
CA GLY A 350 -29.09 -0.51 14.86
C GLY A 350 -28.39 -0.95 16.14
N GLY A 351 -27.28 -0.29 16.45
CA GLY A 351 -26.50 -0.61 17.63
C GLY A 351 -25.13 0.03 17.59
N GLN A 352 -24.37 -0.14 18.67
CA GLN A 352 -23.02 0.41 18.76
C GLN A 352 -22.19 -0.30 19.82
N VAL A 353 -20.88 -0.30 19.61
CA VAL A 353 -19.93 -0.90 20.53
C VAL A 353 -18.75 0.06 20.43
N SER A 354 -18.43 0.73 21.54
CA SER A 354 -17.35 1.71 21.57
C SER A 354 -17.66 2.79 20.53
N GLY A 355 -16.65 3.24 19.79
CA GLY A 355 -16.88 4.27 18.80
C GLY A 355 -17.25 3.81 17.40
N MET A 356 -18.03 2.74 17.29
CA MET A 356 -18.45 2.21 16.00
C MET A 356 -19.96 1.97 16.09
N PHE A 357 -20.71 2.43 15.09
CA PHE A 357 -22.16 2.28 15.09
C PHE A 357 -22.77 2.07 13.71
N GLY A 358 -24.05 1.69 13.70
CA GLY A 358 -24.76 1.46 12.44
C GLY A 358 -26.24 1.81 12.56
N PHE A 359 -26.86 2.15 11.44
CA PHE A 359 -28.27 2.54 11.43
C PHE A 359 -28.97 2.09 10.13
N PHE A 360 -29.85 1.09 10.23
CA PHE A 360 -30.55 0.57 9.04
C PHE A 360 -32.01 1.00 8.93
N PHE A 361 -32.49 1.18 7.70
CA PHE A 361 -33.89 1.55 7.49
C PHE A 361 -34.71 0.30 7.20
N THR A 362 -34.82 -0.56 8.21
CA THR A 362 -35.56 -1.81 8.16
C THR A 362 -35.73 -2.21 9.62
N GLU A 363 -36.78 -2.95 9.94
CA GLU A 363 -36.99 -3.34 11.33
C GLU A 363 -36.11 -4.49 11.78
N GLY A 364 -35.62 -5.27 10.82
CA GLY A 364 -34.75 -6.38 11.13
C GLY A 364 -35.26 -7.33 12.21
N PRO A 365 -34.42 -7.72 13.17
CA PRO A 365 -33.01 -7.34 13.30
C PRO A 365 -32.10 -7.82 12.16
N VAL A 366 -30.89 -7.27 12.09
CA VAL A 366 -29.92 -7.63 11.07
C VAL A 366 -28.87 -8.59 11.62
N HIS A 367 -28.86 -9.82 11.12
CA HIS A 367 -27.90 -10.84 11.57
C HIS A 367 -26.86 -11.20 10.50
N ASN A 368 -27.12 -10.82 9.26
CA ASN A 368 -26.20 -11.12 8.18
C ASN A 368 -26.35 -10.17 7.00
N TYR A 369 -25.59 -10.44 5.95
CA TYR A 369 -25.61 -9.63 4.74
C TYR A 369 -26.97 -9.69 4.03
N GLU A 370 -27.67 -10.82 4.14
CA GLU A 370 -28.96 -10.96 3.49
C GLU A 370 -30.03 -10.06 4.14
N ASP A 371 -30.05 -10.01 5.46
CA ASP A 371 -31.02 -9.16 6.16
C ASP A 371 -30.75 -7.70 5.84
N ALA A 372 -29.47 -7.35 5.69
CA ALA A 372 -29.10 -5.97 5.39
C ALA A 372 -29.61 -5.49 4.04
N LYS A 373 -29.56 -6.37 3.04
CA LYS A 373 -30.02 -6.02 1.69
C LYS A 373 -31.51 -5.72 1.63
N LYS A 374 -32.21 -5.84 2.75
CA LYS A 374 -33.64 -5.57 2.80
C LYS A 374 -33.95 -4.14 3.21
N SER A 375 -32.90 -3.37 3.49
CA SER A 375 -33.05 -1.97 3.90
C SER A 375 -33.60 -1.16 2.76
N ASP A 376 -34.33 -0.09 3.08
CA ASP A 376 -34.92 0.75 2.06
C ASP A 376 -33.85 1.73 1.54
N LEU A 377 -33.09 1.27 0.54
CA LEU A 377 -32.02 2.08 -0.05
C LEU A 377 -32.50 3.37 -0.69
N GLN A 378 -33.78 3.45 -1.00
CA GLN A 378 -34.34 4.66 -1.61
C GLN A 378 -34.49 5.74 -0.54
N LYS A 379 -34.99 5.33 0.62
CA LYS A 379 -35.19 6.22 1.75
C LYS A 379 -33.84 6.68 2.30
N PHE A 380 -32.91 5.75 2.41
CA PHE A 380 -31.58 6.08 2.93
C PHE A 380 -30.92 7.16 2.09
N SER A 381 -31.17 7.12 0.78
CA SER A 381 -30.59 8.10 -0.11
C SER A 381 -31.09 9.51 0.21
N ARG A 382 -32.39 9.63 0.46
CA ARG A 382 -32.96 10.93 0.78
C ARG A 382 -32.43 11.38 2.15
N PHE A 383 -32.42 10.45 3.10
CA PHE A 383 -31.93 10.73 4.44
C PHE A 383 -30.50 11.30 4.40
N HIS A 384 -29.63 10.67 3.60
CA HIS A 384 -28.24 11.10 3.49
C HIS A 384 -28.09 12.51 2.91
N ARG A 385 -28.91 12.84 1.91
CA ARG A 385 -28.86 14.17 1.29
C ARG A 385 -29.37 15.21 2.28
N GLY A 386 -30.44 14.88 2.99
CA GLY A 386 -31.00 15.80 3.96
C GLY A 386 -29.99 16.16 5.04
N MET A 387 -29.30 15.15 5.56
CA MET A 387 -28.30 15.36 6.59
C MET A 387 -27.15 16.24 6.09
N LEU A 388 -26.74 16.01 4.84
CA LEU A 388 -25.65 16.75 4.22
C LEU A 388 -25.96 18.24 4.18
N GLU A 389 -27.22 18.56 3.98
CA GLU A 389 -27.64 19.96 3.90
C GLU A 389 -27.76 20.61 5.26
N GLN A 390 -27.97 19.78 6.29
CA GLN A 390 -28.06 20.26 7.66
C GLN A 390 -26.67 20.30 8.29
N GLY A 391 -25.65 20.01 7.48
CA GLY A 391 -24.28 20.06 7.97
C GLY A 391 -23.69 18.83 8.67
N ILE A 392 -24.20 17.64 8.37
CA ILE A 392 -23.69 16.39 8.97
C ILE A 392 -23.16 15.51 7.83
N TYR A 393 -21.94 15.00 7.95
CA TYR A 393 -21.35 14.17 6.91
C TYR A 393 -21.31 12.67 7.27
N LEU A 394 -22.13 11.88 6.60
CA LEU A 394 -22.20 10.43 6.84
C LEU A 394 -21.65 9.66 5.65
N ALA A 395 -21.23 8.42 5.89
CA ALA A 395 -20.70 7.58 4.82
C ALA A 395 -21.78 7.46 3.75
N PRO A 396 -21.41 7.69 2.49
CA PRO A 396 -22.34 7.60 1.35
C PRO A 396 -22.75 6.18 0.99
N SER A 397 -23.18 5.40 1.97
CA SER A 397 -23.61 4.03 1.73
C SER A 397 -24.34 3.42 2.92
N GLN A 398 -25.37 2.64 2.64
CA GLN A 398 -26.13 1.98 3.71
C GLN A 398 -25.30 0.82 4.27
N PHE A 399 -24.27 0.40 3.54
CA PHE A 399 -23.45 -0.73 3.95
C PHE A 399 -22.11 -0.40 4.63
N GLU A 400 -21.96 0.83 5.11
CA GLU A 400 -20.73 1.23 5.80
C GLU A 400 -21.06 1.69 7.23
N ALA A 401 -20.26 1.26 8.20
CA ALA A 401 -20.47 1.67 9.58
C ALA A 401 -19.96 3.10 9.73
N GLY A 402 -20.42 3.81 10.75
CA GLY A 402 -19.99 5.18 10.96
C GLY A 402 -19.05 5.26 12.16
N PHE A 403 -18.32 6.37 12.30
CA PHE A 403 -17.39 6.50 13.41
C PHE A 403 -17.45 7.81 14.19
N THR A 404 -17.00 7.76 15.44
CA THR A 404 -16.92 8.92 16.30
C THR A 404 -15.46 9.01 16.76
N SER A 405 -15.05 10.16 17.25
CA SER A 405 -13.67 10.36 17.68
C SER A 405 -13.59 11.00 19.06
N LEU A 406 -12.37 11.08 19.60
CA LEU A 406 -12.15 11.69 20.90
C LEU A 406 -12.38 13.21 20.83
N ALA A 407 -12.45 13.77 19.62
CA ALA A 407 -12.68 15.20 19.45
C ALA A 407 -14.17 15.58 19.32
N HIS A 408 -15.05 14.58 19.19
CA HIS A 408 -16.47 14.86 19.11
C HIS A 408 -16.95 15.28 20.51
N THR A 409 -17.76 16.34 20.58
CA THR A 409 -18.27 16.82 21.87
C THR A 409 -19.76 16.52 22.06
N GLU A 410 -20.19 16.60 23.32
CA GLU A 410 -21.59 16.37 23.70
C GLU A 410 -22.46 17.29 22.85
N GLU A 411 -21.98 18.50 22.62
CA GLU A 411 -22.72 19.48 21.83
C GLU A 411 -22.83 19.02 20.37
N ASP A 412 -21.76 18.44 19.83
CA ASP A 412 -21.79 17.98 18.44
C ASP A 412 -22.83 16.87 18.26
N ILE A 413 -22.95 16.01 19.26
CA ILE A 413 -23.93 14.92 19.21
C ILE A 413 -25.33 15.50 19.22
N ASP A 414 -25.59 16.42 20.15
CA ASP A 414 -26.91 17.05 20.25
C ASP A 414 -27.29 17.73 18.94
N ALA A 415 -26.32 18.37 18.30
CA ALA A 415 -26.56 19.05 17.03
C ALA A 415 -26.90 18.06 15.93
N THR A 416 -26.33 16.86 16.03
CA THR A 416 -26.58 15.83 15.03
C THR A 416 -28.01 15.30 15.16
N LEU A 417 -28.44 15.12 16.40
CA LEU A 417 -29.79 14.64 16.68
C LEU A 417 -30.84 15.65 16.24
N ALA A 418 -30.60 16.93 16.53
CA ALA A 418 -31.55 17.97 16.15
C ALA A 418 -31.70 17.96 14.64
N ALA A 419 -30.59 17.68 13.95
CA ALA A 419 -30.59 17.62 12.50
C ALA A 419 -31.31 16.37 11.99
N ALA A 420 -31.16 15.26 12.71
CA ALA A 420 -31.81 14.01 12.30
C ALA A 420 -33.33 14.16 12.42
N ARG A 421 -33.75 14.84 13.48
CA ARG A 421 -35.18 15.11 13.75
C ARG A 421 -35.79 15.85 12.57
N THR A 422 -35.15 16.95 12.17
CA THR A 422 -35.60 17.78 11.06
C THR A 422 -35.69 17.01 9.74
N VAL A 423 -34.66 16.22 9.43
CA VAL A 423 -34.63 15.47 8.19
C VAL A 423 -35.70 14.37 8.12
N MET A 424 -35.74 13.53 9.14
CA MET A 424 -36.69 12.42 9.17
C MET A 424 -38.15 12.85 9.19
N SER A 425 -38.44 13.99 9.83
CA SER A 425 -39.81 14.48 9.89
C SER A 425 -40.29 14.85 8.50
N ALA A 426 -39.35 15.12 7.60
CA ALA A 426 -39.70 15.49 6.24
C ALA A 426 -39.39 14.39 5.25
N LEU A 427 -39.48 13.14 5.68
CA LEU A 427 -39.21 12.03 4.77
C LEU A 427 -40.46 11.37 4.20
N PHE B 1 36.55 1.83 12.97
CA PHE B 1 35.15 1.74 12.45
C PHE B 1 34.27 1.05 13.48
N LYS B 2 33.58 1.84 14.29
CA LYS B 2 32.71 1.28 15.33
C LYS B 2 31.25 1.20 14.92
N THR B 3 30.63 0.06 15.21
CA THR B 3 29.22 -0.15 14.87
C THR B 3 28.48 -0.73 16.08
N ILE B 4 28.94 -0.35 17.28
CA ILE B 4 28.37 -0.82 18.53
C ILE B 4 26.86 -0.61 18.63
N LYS B 5 26.42 0.63 18.44
CA LYS B 5 24.99 0.96 18.53
C LYS B 5 24.11 0.22 17.53
N SER B 6 24.60 0.05 16.30
CA SER B 6 23.84 -0.67 15.28
C SER B 6 23.63 -2.12 15.67
N ASP B 7 24.70 -2.79 16.09
CA ASP B 7 24.63 -4.20 16.47
C ASP B 7 23.66 -4.45 17.62
N GLU B 8 23.62 -3.52 18.55
CA GLU B 8 22.72 -3.63 19.69
C GLU B 8 21.26 -3.50 19.28
N ILE B 9 20.96 -2.50 18.45
CA ILE B 9 19.60 -2.26 17.98
C ILE B 9 19.06 -3.39 17.10
N PHE B 10 19.85 -3.80 16.11
CA PHE B 10 19.46 -4.88 15.21
C PHE B 10 19.24 -6.20 15.93
N ALA B 11 19.94 -6.39 17.05
CA ALA B 11 19.83 -7.61 17.83
C ALA B 11 18.50 -7.68 18.58
N ALA B 12 18.03 -6.54 19.07
CA ALA B 12 16.75 -6.52 19.78
C ALA B 12 15.63 -6.70 18.77
N ALA B 13 15.85 -6.18 17.55
CA ALA B 13 14.85 -6.25 16.48
C ALA B 13 14.45 -7.66 16.06
N GLN B 14 15.41 -8.57 16.00
CA GLN B 14 15.14 -9.93 15.59
C GLN B 14 14.16 -10.68 16.50
N LYS B 15 13.89 -10.12 17.68
CA LYS B 15 12.97 -10.76 18.61
C LYS B 15 11.58 -10.16 18.46
N LEU B 16 11.48 -9.08 17.68
CA LEU B 16 10.20 -8.39 17.49
C LEU B 16 9.60 -8.55 16.10
N MET B 17 10.48 -8.61 15.09
CA MET B 17 10.06 -8.71 13.70
C MET B 17 10.81 -9.86 12.98
N PRO B 18 10.17 -10.49 11.98
CA PRO B 18 10.79 -11.58 11.23
C PRO B 18 12.18 -11.21 10.69
N GLY B 19 13.21 -11.90 11.16
CA GLY B 19 14.55 -11.59 10.71
C GLY B 19 15.01 -10.20 11.12
N GLY B 20 14.25 -9.54 11.99
CA GLY B 20 14.61 -8.22 12.45
C GLY B 20 14.54 -7.06 11.47
N VAL B 21 13.74 -7.20 10.41
CA VAL B 21 13.59 -6.14 9.41
C VAL B 21 12.18 -6.06 8.83
N SER B 22 11.90 -4.98 8.10
CA SER B 22 10.59 -4.80 7.48
C SER B 22 10.62 -5.25 6.02
N SER B 23 11.82 -5.50 5.50
CA SER B 23 12.01 -5.93 4.12
C SER B 23 13.33 -6.70 4.06
N PRO B 24 13.31 -7.94 3.53
CA PRO B 24 14.42 -8.89 3.37
C PRO B 24 15.84 -8.37 3.12
N VAL B 25 16.04 -7.70 1.98
CA VAL B 25 17.36 -7.19 1.61
C VAL B 25 18.05 -6.34 2.67
N ARG B 26 17.29 -5.75 3.58
CA ARG B 26 17.86 -4.90 4.62
C ARG B 26 18.68 -5.66 5.67
N ALA B 27 18.51 -6.98 5.71
CA ALA B 27 19.22 -7.82 6.69
C ALA B 27 20.68 -8.12 6.36
N PHE B 28 21.13 -7.74 5.16
CA PHE B 28 22.53 -7.94 4.78
C PHE B 28 22.98 -9.40 4.62
N LYS B 29 22.04 -10.33 4.50
CA LYS B 29 22.44 -11.73 4.38
C LYS B 29 23.35 -12.05 3.21
N SER B 30 23.26 -11.28 2.13
CA SER B 30 24.11 -11.54 0.98
C SER B 30 25.54 -11.01 1.16
N VAL B 31 25.79 -10.27 2.24
CA VAL B 31 27.13 -9.70 2.44
C VAL B 31 27.66 -9.70 3.88
N GLY B 32 27.41 -10.77 4.63
CA GLY B 32 27.92 -10.80 5.99
C GLY B 32 26.93 -10.94 7.11
N GLY B 33 25.79 -10.26 7.01
CA GLY B 33 24.77 -10.36 8.05
C GLY B 33 24.80 -9.28 9.14
N GLN B 34 25.52 -8.20 8.91
CA GLN B 34 25.57 -7.12 9.90
C GLN B 34 25.22 -5.77 9.30
N PRO B 35 23.93 -5.39 9.36
CA PRO B 35 23.39 -4.13 8.83
C PRO B 35 23.71 -2.94 9.72
N ILE B 36 23.70 -1.75 9.15
CA ILE B 36 23.94 -0.55 9.95
C ILE B 36 22.59 0.16 10.06
N VAL B 37 22.27 0.66 11.24
CA VAL B 37 21.00 1.34 11.47
C VAL B 37 21.16 2.84 11.20
N PHE B 38 20.27 3.40 10.39
CA PHE B 38 20.31 4.83 10.04
C PHE B 38 19.62 5.70 11.09
N ASP B 39 20.09 6.94 11.21
CA ASP B 39 19.49 7.90 12.13
C ASP B 39 18.89 9.07 11.37
N ARG B 40 19.55 9.47 10.28
CA ARG B 40 19.09 10.59 9.46
C ARG B 40 19.81 10.61 8.11
N VAL B 41 19.19 11.26 7.12
CA VAL B 41 19.79 11.36 5.79
C VAL B 41 19.61 12.79 5.31
N LYS B 42 20.53 13.26 4.46
CA LYS B 42 20.46 14.61 3.92
C LYS B 42 21.38 14.77 2.70
N ASP B 43 20.86 15.43 1.66
CA ASP B 43 21.58 15.65 0.42
C ASP B 43 22.05 14.32 -0.17
N ALA B 44 23.35 14.07 -0.16
CA ALA B 44 23.86 12.83 -0.71
C ALA B 44 24.43 11.93 0.35
N TYR B 45 24.27 12.31 1.61
CA TYR B 45 24.84 11.52 2.69
C TYR B 45 23.84 10.85 3.62
N ALA B 46 24.35 9.94 4.45
CA ALA B 46 23.55 9.21 5.41
C ALA B 46 24.38 9.10 6.69
N TRP B 47 23.71 9.04 7.84
CA TRP B 47 24.39 8.94 9.13
C TRP B 47 23.98 7.76 10.00
N ASP B 48 24.99 7.14 10.61
CA ASP B 48 24.92 5.99 11.51
C ASP B 48 24.37 6.35 12.89
N VAL B 49 23.95 5.35 13.66
CA VAL B 49 23.52 5.61 15.03
C VAL B 49 24.81 5.66 15.87
N ASP B 50 25.95 5.57 15.19
CA ASP B 50 27.26 5.63 15.84
C ASP B 50 28.02 6.88 15.39
N GLY B 51 27.34 7.76 14.66
CA GLY B 51 27.96 8.98 14.19
C GLY B 51 28.73 8.89 12.89
N ASN B 52 28.76 7.71 12.26
CA ASN B 52 29.49 7.56 11.01
C ASN B 52 28.72 8.17 9.84
N ARG B 53 29.47 8.77 8.91
CA ARG B 53 28.89 9.42 7.74
C ARG B 53 29.27 8.67 6.45
N TYR B 54 28.29 8.47 5.56
CA TYR B 54 28.54 7.77 4.31
C TYR B 54 27.99 8.54 3.10
N ILE B 55 28.60 8.30 1.94
CA ILE B 55 28.12 8.89 0.71
C ILE B 55 27.17 7.78 0.23
N ASP B 56 25.89 8.12 0.09
CA ASP B 56 24.85 7.16 -0.26
C ASP B 56 24.59 6.93 -1.75
N TYR B 57 24.68 5.67 -2.16
CA TYR B 57 24.44 5.29 -3.56
C TYR B 57 23.23 4.37 -3.67
N VAL B 58 22.41 4.37 -2.61
CA VAL B 58 21.19 3.57 -2.57
C VAL B 58 20.00 4.52 -2.71
N GLY B 59 20.06 5.66 -2.02
CA GLY B 59 18.98 6.62 -2.11
C GLY B 59 17.61 6.02 -1.81
N THR B 60 17.53 5.35 -0.65
CA THR B 60 16.33 4.67 -0.18
C THR B 60 15.65 3.86 -1.30
N TRP B 61 16.48 3.32 -2.19
CA TRP B 61 16.07 2.48 -3.32
C TRP B 61 15.31 3.14 -4.46
N GLY B 62 15.65 4.38 -4.80
CA GLY B 62 14.98 5.04 -5.91
C GLY B 62 14.34 6.39 -5.72
N PRO B 63 13.49 6.57 -4.69
CA PRO B 63 12.83 7.83 -4.42
C PRO B 63 13.67 9.11 -4.30
N ALA B 64 14.83 9.02 -3.66
CA ALA B 64 15.68 10.20 -3.42
C ALA B 64 16.49 10.78 -4.59
N ILE B 65 15.90 10.83 -5.77
CA ILE B 65 16.60 11.36 -6.93
C ILE B 65 17.00 12.83 -6.78
N CYS B 66 16.24 13.60 -6.02
CA CYS B 66 16.55 15.02 -5.82
C CYS B 66 17.49 15.23 -4.65
N GLY B 67 17.82 14.15 -3.95
CA GLY B 67 18.69 14.24 -2.79
C GLY B 67 17.83 14.03 -1.55
N HIS B 68 18.43 13.54 -0.47
CA HIS B 68 17.68 13.31 0.77
C HIS B 68 17.22 14.60 1.44
N ALA B 69 16.00 14.59 1.97
CA ALA B 69 15.44 15.74 2.66
C ALA B 69 15.62 17.05 1.91
N HIS B 70 15.18 17.09 0.66
CA HIS B 70 15.28 18.30 -0.13
C HIS B 70 14.49 19.39 0.59
N PRO B 71 15.13 20.54 0.87
CA PRO B 71 14.48 21.64 1.56
C PRO B 71 13.18 22.16 0.98
N GLU B 72 13.01 22.08 -0.34
CA GLU B 72 11.77 22.57 -0.93
C GLU B 72 10.62 21.59 -0.82
N VAL B 73 10.94 20.31 -0.65
CA VAL B 73 9.93 19.27 -0.51
C VAL B 73 9.44 19.28 0.93
N ILE B 74 10.38 19.25 1.85
CA ILE B 74 10.06 19.26 3.27
C ILE B 74 9.21 20.49 3.63
N GLU B 75 9.59 21.64 3.09
CA GLU B 75 8.87 22.90 3.32
C GLU B 75 7.41 22.83 2.85
N ALA B 76 7.18 22.24 1.67
CA ALA B 76 5.83 22.12 1.13
C ALA B 76 5.00 21.16 1.98
N LEU B 77 5.63 20.11 2.50
CA LEU B 77 4.95 19.14 3.35
C LEU B 77 4.54 19.76 4.69
N LYS B 78 5.37 20.65 5.21
CA LYS B 78 5.07 21.31 6.48
C LYS B 78 3.82 22.18 6.37
N VAL B 79 3.70 22.88 5.24
CA VAL B 79 2.55 23.76 5.00
C VAL B 79 1.25 22.99 4.78
N ALA B 80 1.34 21.85 4.09
CA ALA B 80 0.17 21.05 3.78
C ALA B 80 -0.44 20.26 4.94
N MET B 81 0.35 19.86 5.94
CA MET B 81 -0.24 19.07 7.03
C MET B 81 -1.06 19.86 8.05
N GLU B 82 -1.01 21.18 7.97
CA GLU B 82 -1.80 22.00 8.88
C GLU B 82 -3.26 21.86 8.47
N LYS B 83 -3.49 21.39 7.25
CA LYS B 83 -4.85 21.20 6.74
C LYS B 83 -5.32 19.75 6.92
N GLY B 84 -4.48 18.90 7.50
CA GLY B 84 -4.85 17.51 7.68
C GLY B 84 -4.08 16.59 6.72
N THR B 85 -3.83 15.36 7.13
CA THR B 85 -3.07 14.45 6.29
C THR B 85 -3.88 13.47 5.43
N SER B 86 -5.15 13.24 5.77
CA SER B 86 -5.97 12.32 5.00
C SER B 86 -7.44 12.75 5.07
N PHE B 87 -8.13 12.74 3.93
CA PHE B 87 -9.53 13.16 3.90
C PHE B 87 -10.54 12.03 3.74
N GLY B 88 -10.26 11.11 2.82
CA GLY B 88 -11.18 10.02 2.58
C GLY B 88 -12.24 10.48 1.60
N ALA B 89 -11.94 11.57 0.90
CA ALA B 89 -12.81 12.16 -0.10
C ALA B 89 -11.92 12.86 -1.12
N PRO B 90 -12.47 13.23 -2.30
CA PRO B 90 -11.68 13.92 -3.32
C PRO B 90 -11.08 15.22 -2.82
N CYS B 91 -9.92 15.58 -3.37
CA CYS B 91 -9.24 16.83 -3.03
C CYS B 91 -8.64 17.36 -4.34
N ALA B 92 -8.53 18.68 -4.45
CA ALA B 92 -8.01 19.31 -5.67
C ALA B 92 -6.62 18.85 -6.09
N LEU B 93 -5.79 18.46 -5.13
CA LEU B 93 -4.43 18.04 -5.44
C LEU B 93 -4.33 16.74 -6.25
N GLU B 94 -5.36 15.90 -6.18
CA GLU B 94 -5.36 14.65 -6.95
C GLU B 94 -5.41 15.01 -8.43
N ASN B 95 -6.20 16.04 -8.76
CA ASN B 95 -6.31 16.50 -10.15
C ASN B 95 -4.96 16.99 -10.69
N VAL B 96 -4.26 17.79 -9.88
CA VAL B 96 -2.97 18.34 -10.25
C VAL B 96 -1.93 17.27 -10.61
N LEU B 97 -1.59 16.40 -9.66
CA LEU B 97 -0.60 15.36 -9.91
C LEU B 97 -1.03 14.44 -11.07
N ALA B 98 -2.34 14.21 -11.19
CA ALA B 98 -2.85 13.35 -12.26
C ALA B 98 -2.56 13.95 -13.63
N GLU B 99 -2.75 15.26 -13.79
CA GLU B 99 -2.48 15.91 -15.07
C GLU B 99 -0.99 15.85 -15.39
N MET B 100 -0.17 16.14 -14.38
CA MET B 100 1.28 16.14 -14.55
C MET B 100 1.78 14.80 -15.04
N VAL B 101 1.19 13.72 -14.52
CA VAL B 101 1.58 12.38 -14.90
C VAL B 101 1.14 12.06 -16.33
N ASN B 102 -0.07 12.47 -16.69
CA ASN B 102 -0.57 12.23 -18.03
C ASN B 102 0.29 12.95 -19.06
N ASP B 103 0.69 14.18 -18.76
CA ASP B 103 1.52 14.94 -19.69
C ASP B 103 2.95 14.42 -19.80
N ALA B 104 3.45 13.76 -18.77
CA ALA B 104 4.82 13.26 -18.79
C ALA B 104 5.01 11.85 -19.35
N VAL B 105 4.07 10.95 -19.10
CA VAL B 105 4.20 9.57 -19.58
C VAL B 105 3.39 9.33 -20.85
N PRO B 106 4.09 9.02 -21.96
CA PRO B 106 3.49 8.76 -23.27
C PRO B 106 2.21 7.93 -23.27
N SER B 107 2.30 6.70 -22.78
CA SER B 107 1.17 5.79 -22.76
C SER B 107 0.04 6.08 -21.77
N ILE B 108 0.26 6.98 -20.81
CA ILE B 108 -0.77 7.28 -19.81
C ILE B 108 -1.77 8.35 -20.24
N GLU B 109 -3.04 7.97 -20.36
CA GLU B 109 -4.11 8.91 -20.73
C GLU B 109 -5.09 9.09 -19.55
N MET B 110 -5.11 8.10 -18.66
CA MET B 110 -5.97 8.12 -17.48
C MET B 110 -5.24 7.36 -16.35
N VAL B 111 -5.25 7.91 -15.13
CA VAL B 111 -4.56 7.26 -14.03
C VAL B 111 -5.34 7.07 -12.74
N ARG B 112 -4.86 6.12 -11.94
CA ARG B 112 -5.44 5.79 -10.64
C ARG B 112 -4.26 5.65 -9.67
N PHE B 113 -4.28 6.42 -8.58
CA PHE B 113 -3.22 6.37 -7.59
C PHE B 113 -3.47 5.26 -6.58
N VAL B 114 -2.40 4.63 -6.09
CA VAL B 114 -2.49 3.58 -5.08
C VAL B 114 -1.43 3.87 -4.03
N ASN B 115 -1.16 2.93 -3.13
CA ASN B 115 -0.20 3.19 -2.07
C ASN B 115 1.18 2.56 -2.16
N SER B 116 1.44 1.80 -3.21
CA SER B 116 2.76 1.17 -3.41
C SER B 116 2.90 0.63 -4.81
N GLY B 117 4.11 0.26 -5.19
CA GLY B 117 4.31 -0.30 -6.51
C GLY B 117 3.64 -1.67 -6.57
N THR B 118 3.52 -2.30 -5.40
CA THR B 118 2.92 -3.62 -5.31
C THR B 118 1.42 -3.60 -5.58
N GLU B 119 0.71 -2.61 -5.03
CA GLU B 119 -0.73 -2.54 -5.28
C GLU B 119 -0.95 -2.28 -6.76
N ALA B 120 -0.10 -1.45 -7.35
CA ALA B 120 -0.21 -1.13 -8.77
C ALA B 120 -0.06 -2.38 -9.65
N CYS B 121 0.92 -3.22 -9.35
CA CYS B 121 1.12 -4.43 -10.13
C CYS B 121 -0.07 -5.41 -10.00
N MET B 122 -0.65 -5.49 -8.80
CA MET B 122 -1.81 -6.37 -8.57
C MET B 122 -2.94 -5.94 -9.51
N ALA B 123 -3.24 -4.65 -9.43
CA ALA B 123 -4.31 -4.05 -10.22
C ALA B 123 -4.10 -4.21 -11.74
N VAL B 124 -2.88 -3.93 -12.20
CA VAL B 124 -2.57 -4.01 -13.63
C VAL B 124 -2.68 -5.43 -14.19
N LEU B 125 -2.37 -6.43 -13.37
CA LEU B 125 -2.46 -7.82 -13.80
C LEU B 125 -3.93 -8.18 -13.99
N ARG B 126 -4.75 -7.80 -13.00
CA ARG B 126 -6.17 -8.09 -13.04
C ARG B 126 -6.89 -7.34 -14.16
N ILE B 127 -6.45 -6.13 -14.44
CA ILE B 127 -7.04 -5.32 -15.49
C ILE B 127 -6.68 -5.92 -16.87
N MET B 128 -5.46 -6.47 -16.99
CA MET B 128 -5.02 -7.08 -18.24
C MET B 128 -5.93 -8.24 -18.63
N ARG B 129 -6.21 -9.10 -17.65
CA ARG B 129 -7.06 -10.26 -17.85
C ARG B 129 -8.52 -9.92 -18.11
N ALA B 130 -9.05 -8.93 -17.41
CA ALA B 130 -10.44 -8.52 -17.57
C ALA B 130 -10.72 -7.91 -18.93
N TYR B 131 -9.78 -7.11 -19.41
CA TYR B 131 -9.95 -6.45 -20.71
C TYR B 131 -9.92 -7.42 -21.88
N THR B 132 -9.05 -8.43 -21.81
CA THR B 132 -8.94 -9.41 -22.90
C THR B 132 -9.77 -10.65 -22.67
N GLY B 133 -10.13 -10.93 -21.42
CA GLY B 133 -10.90 -12.11 -21.14
C GLY B 133 -10.05 -13.37 -21.20
N ARG B 134 -8.74 -13.20 -21.07
CA ARG B 134 -7.79 -14.31 -21.09
C ARG B 134 -7.07 -14.43 -19.74
N ASP B 135 -6.48 -15.59 -19.46
CA ASP B 135 -5.83 -15.82 -18.17
C ASP B 135 -4.31 -15.95 -18.15
N LYS B 136 -3.69 -16.26 -19.28
CA LYS B 136 -2.23 -16.43 -19.31
C LYS B 136 -1.45 -15.12 -19.39
N ILE B 137 -0.33 -15.08 -18.68
CA ILE B 137 0.52 -13.89 -18.67
C ILE B 137 1.98 -14.28 -18.77
N ILE B 138 2.76 -13.47 -19.49
CA ILE B 138 4.19 -13.75 -19.64
C ILE B 138 5.05 -12.73 -18.92
N LYS B 139 6.01 -13.21 -18.14
CA LYS B 139 6.94 -12.34 -17.42
C LYS B 139 8.33 -12.90 -17.68
N PHE B 140 9.36 -12.19 -17.24
CA PHE B 140 10.73 -12.61 -17.48
C PHE B 140 11.51 -13.01 -16.23
N GLU B 141 12.47 -13.91 -16.41
CA GLU B 141 13.31 -14.41 -15.32
C GLU B 141 14.29 -13.33 -14.83
N GLY B 142 14.10 -12.89 -13.60
CA GLY B 142 14.97 -11.87 -13.05
C GLY B 142 14.26 -10.54 -12.86
N CYS B 143 12.99 -10.48 -13.24
CA CYS B 143 12.20 -9.26 -13.10
C CYS B 143 11.30 -9.34 -11.88
N TYR B 144 11.15 -8.20 -11.19
CA TYR B 144 10.32 -8.13 -10.00
C TYR B 144 9.11 -7.20 -10.14
N HIS B 145 7.93 -7.72 -9.79
CA HIS B 145 6.68 -6.96 -9.86
C HIS B 145 5.84 -7.23 -8.60
N GLY B 146 6.47 -7.15 -7.44
CA GLY B 146 5.76 -7.40 -6.20
C GLY B 146 5.52 -8.90 -6.07
N HIS B 147 4.60 -9.28 -5.19
CA HIS B 147 4.30 -10.69 -5.01
C HIS B 147 2.90 -11.05 -5.49
N ALA B 148 2.59 -10.66 -6.72
CA ALA B 148 1.29 -10.93 -7.33
C ALA B 148 1.37 -12.25 -8.10
N ASP B 149 1.92 -13.28 -7.44
CA ASP B 149 2.08 -14.60 -8.02
C ASP B 149 2.50 -14.55 -9.49
N THR B 175 -1.27 -21.73 -9.88
CA THR B 175 -1.01 -20.49 -10.60
C THR B 175 -0.21 -20.76 -11.88
N ALA B 176 -0.71 -21.70 -12.69
CA ALA B 176 -0.06 -22.07 -13.94
C ALA B 176 -0.45 -21.08 -15.03
N ASN B 177 -0.95 -19.91 -14.61
CA ASN B 177 -1.37 -18.88 -15.53
C ASN B 177 -0.28 -17.84 -15.73
N THR B 178 0.95 -18.21 -15.37
CA THR B 178 2.09 -17.31 -15.54
C THR B 178 3.23 -18.05 -16.25
N LEU B 179 3.51 -17.63 -17.48
CA LEU B 179 4.59 -18.23 -18.25
C LEU B 179 5.83 -17.34 -18.14
N THR B 180 6.99 -17.94 -17.93
CA THR B 180 8.22 -17.17 -17.82
C THR B 180 9.18 -17.47 -18.96
N THR B 181 10.05 -16.51 -19.26
CA THR B 181 11.04 -16.63 -20.32
C THR B 181 12.29 -15.83 -19.96
N PRO B 182 13.43 -16.10 -20.64
CA PRO B 182 14.67 -15.37 -20.35
C PRO B 182 14.64 -13.95 -20.91
N TYR B 183 15.22 -13.00 -20.19
CA TYR B 183 15.26 -11.62 -20.64
C TYR B 183 16.11 -11.55 -21.91
N ASN B 184 15.75 -10.64 -22.82
CA ASN B 184 16.49 -10.48 -24.07
C ASN B 184 16.47 -11.73 -24.94
N ASP B 185 15.30 -12.32 -25.08
CA ASP B 185 15.15 -13.53 -25.88
C ASP B 185 13.80 -13.52 -26.58
N LEU B 186 13.75 -12.89 -27.76
CA LEU B 186 12.50 -12.82 -28.52
C LEU B 186 11.97 -14.18 -28.92
N GLU B 187 12.87 -15.03 -29.42
CA GLU B 187 12.49 -16.38 -29.85
C GLU B 187 11.68 -17.14 -28.82
N ALA B 188 12.14 -17.13 -27.57
CA ALA B 188 11.45 -17.84 -26.50
C ALA B 188 10.04 -17.27 -26.29
N VAL B 189 9.86 -15.98 -26.56
CA VAL B 189 8.56 -15.32 -26.42
C VAL B 189 7.63 -15.79 -27.55
N LYS B 190 8.11 -15.75 -28.79
CA LYS B 190 7.33 -16.17 -29.95
C LYS B 190 6.79 -17.58 -29.71
N ALA B 191 7.67 -18.46 -29.24
CA ALA B 191 7.30 -19.84 -28.97
C ALA B 191 6.14 -19.93 -27.99
N LEU B 192 6.20 -19.15 -26.91
CA LEU B 192 5.14 -19.18 -25.91
C LEU B 192 3.78 -18.83 -26.48
N PHE B 193 3.72 -17.97 -27.49
CA PHE B 193 2.44 -17.62 -28.09
C PHE B 193 1.98 -18.77 -28.98
N ALA B 194 2.91 -19.33 -29.75
CA ALA B 194 2.61 -20.44 -30.65
C ALA B 194 2.07 -21.69 -29.95
N GLU B 195 2.42 -21.87 -28.68
CA GLU B 195 1.96 -23.04 -27.94
C GLU B 195 0.67 -22.79 -27.14
N ASN B 196 0.30 -21.52 -27.00
CA ASN B 196 -0.90 -21.15 -26.24
C ASN B 196 -1.72 -20.15 -27.07
N PRO B 197 -2.26 -20.59 -28.22
CA PRO B 197 -3.06 -19.74 -29.10
C PRO B 197 -4.32 -19.12 -28.50
N GLY B 198 -4.39 -17.79 -28.50
CA GLY B 198 -5.54 -17.07 -27.97
C GLY B 198 -5.76 -17.25 -26.47
N GLU B 199 -4.68 -17.36 -25.70
CA GLU B 199 -4.77 -17.53 -24.26
C GLU B 199 -3.91 -16.53 -23.49
N ILE B 200 -3.02 -15.85 -24.20
CA ILE B 200 -2.14 -14.87 -23.57
C ILE B 200 -2.77 -13.49 -23.49
N ALA B 201 -2.95 -12.99 -22.27
CA ALA B 201 -3.51 -11.66 -22.06
C ALA B 201 -2.47 -10.62 -22.45
N GLY B 202 -1.20 -10.90 -22.16
CA GLY B 202 -0.16 -9.95 -22.49
C GLY B 202 1.19 -10.23 -21.85
N VAL B 203 2.10 -9.28 -21.99
CA VAL B 203 3.46 -9.39 -21.46
C VAL B 203 3.80 -8.20 -20.55
N ILE B 204 4.46 -8.48 -19.42
CA ILE B 204 4.85 -7.45 -18.46
C ILE B 204 6.34 -7.57 -18.11
N LEU B 205 7.06 -6.44 -18.13
CA LEU B 205 8.48 -6.46 -17.82
C LEU B 205 9.03 -5.10 -17.41
N GLU B 206 10.27 -5.10 -16.94
CA GLU B 206 10.98 -3.86 -16.58
C GLU B 206 11.71 -3.47 -17.87
N PRO B 207 11.32 -2.36 -18.51
CA PRO B 207 11.97 -1.93 -19.76
C PRO B 207 13.50 -1.89 -19.66
N ILE B 208 13.99 -1.71 -18.43
CA ILE B 208 15.42 -1.74 -18.13
C ILE B 208 15.45 -2.36 -16.75
N VAL B 209 16.15 -3.48 -16.63
CA VAL B 209 16.23 -4.23 -15.39
C VAL B 209 17.11 -3.62 -14.31
N GLY B 210 16.59 -3.66 -13.09
CA GLY B 210 17.32 -3.16 -11.94
C GLY B 210 17.26 -4.15 -10.78
N ASN B 211 16.23 -5.01 -10.77
CA ASN B 211 16.03 -5.98 -9.70
C ASN B 211 16.81 -7.30 -9.74
N SER B 212 17.89 -7.32 -10.49
CA SER B 212 18.77 -8.49 -10.60
C SER B 212 20.00 -7.97 -11.33
N GLY B 213 20.54 -6.87 -10.81
CA GLY B 213 21.68 -6.24 -11.43
C GLY B 213 21.15 -5.29 -12.48
N PHE B 214 22.01 -4.43 -13.00
CA PHE B 214 21.64 -3.47 -14.03
C PHE B 214 21.76 -4.18 -15.39
N ILE B 215 20.67 -4.26 -16.14
CA ILE B 215 20.69 -4.93 -17.44
C ILE B 215 19.86 -4.15 -18.45
N VAL B 216 20.52 -3.72 -19.52
CA VAL B 216 19.89 -2.95 -20.59
C VAL B 216 19.34 -3.92 -21.64
N PRO B 217 18.31 -3.51 -22.39
CA PRO B 217 17.74 -4.39 -23.42
C PRO B 217 18.54 -4.32 -24.72
N ASP B 218 18.73 -5.47 -25.36
CA ASP B 218 19.47 -5.54 -26.62
C ASP B 218 18.73 -4.81 -27.73
N ALA B 219 19.45 -4.50 -28.80
CA ALA B 219 18.87 -3.81 -29.96
C ALA B 219 17.67 -4.59 -30.46
N GLY B 220 16.57 -3.88 -30.69
CA GLY B 220 15.36 -4.50 -31.20
C GLY B 220 14.54 -5.38 -30.27
N PHE B 221 14.95 -5.52 -29.02
CA PHE B 221 14.19 -6.36 -28.09
C PHE B 221 12.85 -5.73 -27.70
N LEU B 222 12.87 -4.45 -27.33
CA LEU B 222 11.62 -3.79 -26.96
C LEU B 222 10.72 -3.69 -28.19
N GLU B 223 11.28 -3.28 -29.33
CA GLU B 223 10.50 -3.16 -30.55
C GLU B 223 9.90 -4.53 -30.88
N GLY B 224 10.70 -5.58 -30.71
CA GLY B 224 10.22 -6.92 -30.98
C GLY B 224 8.94 -7.20 -30.22
N LEU B 225 8.96 -6.98 -28.91
CA LEU B 225 7.80 -7.22 -28.05
C LEU B 225 6.57 -6.39 -28.45
N ARG B 226 6.79 -5.13 -28.82
CA ARG B 226 5.69 -4.27 -29.23
C ARG B 226 4.95 -4.93 -30.40
N GLU B 227 5.68 -5.25 -31.46
CA GLU B 227 5.11 -5.86 -32.64
C GLU B 227 4.49 -7.24 -32.40
N ILE B 228 5.18 -8.09 -31.65
CA ILE B 228 4.65 -9.43 -31.39
C ILE B 228 3.34 -9.43 -30.59
N THR B 229 3.17 -8.49 -29.67
CA THR B 229 1.94 -8.43 -28.89
C THR B 229 0.76 -7.93 -29.74
N LEU B 230 1.02 -6.96 -30.62
CA LEU B 230 -0.02 -6.42 -31.50
C LEU B 230 -0.60 -7.50 -32.41
N GLU B 231 0.26 -8.37 -32.93
CA GLU B 231 -0.19 -9.44 -33.82
C GLU B 231 -1.24 -10.36 -33.21
N HIS B 232 -1.18 -10.58 -31.91
CA HIS B 232 -2.14 -11.47 -31.25
C HIS B 232 -3.20 -10.77 -30.42
N ASP B 233 -3.34 -9.46 -30.61
CA ASP B 233 -4.32 -8.68 -29.85
C ASP B 233 -4.10 -8.84 -28.36
N ALA B 234 -2.83 -8.79 -27.95
CA ALA B 234 -2.46 -8.92 -26.55
C ALA B 234 -1.92 -7.57 -26.06
N LEU B 235 -1.73 -7.44 -24.75
CA LEU B 235 -1.24 -6.19 -24.17
C LEU B 235 0.25 -6.21 -23.78
N LEU B 236 0.88 -5.04 -23.89
CA LEU B 236 2.29 -4.87 -23.52
C LEU B 236 2.29 -3.94 -22.29
N VAL B 237 2.90 -4.38 -21.20
CA VAL B 237 2.92 -3.59 -19.97
C VAL B 237 4.32 -3.32 -19.43
N PHE B 238 4.60 -2.05 -19.14
CA PHE B 238 5.91 -1.65 -18.61
C PHE B 238 5.81 -1.37 -17.11
N ASP B 239 6.65 -2.02 -16.33
CA ASP B 239 6.70 -1.82 -14.90
C ASP B 239 7.82 -0.80 -14.75
N GLU B 240 7.49 0.48 -14.67
CA GLU B 240 8.52 1.51 -14.53
C GLU B 240 8.57 2.12 -13.13
N VAL B 241 8.30 1.30 -12.12
CA VAL B 241 8.33 1.76 -10.74
C VAL B 241 9.73 2.28 -10.39
N MET B 242 10.75 1.67 -10.97
CA MET B 242 12.13 2.08 -10.72
C MET B 242 12.73 2.98 -11.81
N THR B 243 12.30 2.79 -13.06
CA THR B 243 12.84 3.56 -14.17
C THR B 243 12.13 4.90 -14.41
N GLY B 244 10.83 4.94 -14.14
CA GLY B 244 10.09 6.17 -14.35
C GLY B 244 10.67 7.39 -13.65
N PHE B 245 10.80 8.48 -14.39
CA PHE B 245 11.34 9.73 -13.87
C PHE B 245 12.83 9.73 -13.53
N ARG B 246 13.50 8.59 -13.68
CA ARG B 246 14.94 8.48 -13.41
C ARG B 246 15.75 8.34 -14.69
N ILE B 247 15.34 7.43 -15.56
CA ILE B 247 16.01 7.22 -16.84
C ILE B 247 15.75 8.45 -17.71
N ALA B 248 14.55 9.00 -17.57
CA ALA B 248 14.11 10.20 -18.28
C ALA B 248 12.77 10.62 -17.66
N TYR B 249 12.34 11.84 -17.94
CA TYR B 249 11.09 12.33 -17.38
C TYR B 249 9.92 11.41 -17.76
N GLY B 250 9.96 10.90 -18.98
CA GLY B 250 8.90 10.00 -19.44
C GLY B 250 9.31 8.54 -19.34
N GLY B 251 10.35 8.27 -18.56
CA GLY B 251 10.80 6.90 -18.39
C GLY B 251 11.51 6.29 -19.58
N VAL B 252 11.64 4.98 -19.57
CA VAL B 252 12.32 4.27 -20.65
C VAL B 252 11.55 4.39 -21.96
N GLN B 253 10.22 4.33 -21.88
CA GLN B 253 9.38 4.43 -23.07
C GLN B 253 9.59 5.73 -23.84
N GLU B 254 10.03 6.78 -23.15
CA GLU B 254 10.27 8.06 -23.82
C GLU B 254 11.67 8.11 -24.43
N LYS B 255 12.65 7.61 -23.69
CA LYS B 255 14.02 7.64 -24.19
C LYS B 255 14.23 6.70 -25.36
N PHE B 256 13.66 5.51 -25.30
CA PHE B 256 13.85 4.53 -26.35
C PHE B 256 12.76 4.48 -27.44
N GLY B 257 11.71 5.27 -27.29
CA GLY B 257 10.69 5.33 -28.31
C GLY B 257 9.63 4.24 -28.45
N VAL B 258 9.58 3.28 -27.55
CA VAL B 258 8.56 2.24 -27.65
C VAL B 258 7.44 2.58 -26.67
N THR B 259 6.19 2.50 -27.12
CA THR B 259 5.03 2.83 -26.29
C THR B 259 4.16 1.62 -25.92
N PRO B 260 4.02 1.34 -24.61
CA PRO B 260 3.23 0.21 -24.12
C PRO B 260 1.74 0.58 -24.01
N ASP B 261 0.92 -0.36 -23.56
CA ASP B 261 -0.50 -0.14 -23.41
C ASP B 261 -0.88 0.35 -22.01
N LEU B 262 -0.21 -0.21 -21.00
CA LEU B 262 -0.43 0.15 -19.59
C LEU B 262 0.93 0.21 -18.89
N THR B 263 1.08 1.08 -17.91
CA THR B 263 2.33 1.16 -17.17
C THR B 263 2.13 1.43 -15.70
N THR B 264 3.03 0.90 -14.88
CA THR B 264 2.97 1.08 -13.44
C THR B 264 4.07 2.03 -12.98
N LEU B 265 3.75 2.84 -11.97
CA LEU B 265 4.71 3.80 -11.43
C LEU B 265 4.77 3.68 -9.89
N GLY B 266 5.83 4.19 -9.30
CA GLY B 266 6.00 4.13 -7.86
C GLY B 266 7.25 4.90 -7.48
N LYS B 267 7.76 4.67 -6.27
CA LYS B 267 8.97 5.33 -5.79
C LYS B 267 9.04 6.85 -5.91
N ILE B 268 9.62 7.33 -7.00
CA ILE B 268 9.78 8.76 -7.22
C ILE B 268 8.52 9.64 -7.18
N ILE B 269 7.39 9.22 -7.77
CA ILE B 269 6.21 10.11 -7.70
C ILE B 269 5.70 10.27 -6.29
N GLY B 270 6.23 9.49 -5.36
CA GLY B 270 5.81 9.60 -3.98
C GLY B 270 6.78 10.52 -3.25
N GLY B 271 7.88 10.87 -3.93
CA GLY B 271 8.87 11.75 -3.36
C GLY B 271 9.39 11.41 -1.96
N GLY B 272 9.18 10.19 -1.51
CA GLY B 272 9.64 9.82 -0.18
C GLY B 272 8.52 9.26 0.68
N LEU B 273 7.28 9.41 0.22
CA LEU B 273 6.13 8.90 0.94
C LEU B 273 5.57 7.70 0.16
N PRO B 274 4.75 6.86 0.81
CA PRO B 274 4.17 5.68 0.16
C PRO B 274 3.16 6.04 -0.95
N VAL B 275 3.57 5.90 -2.20
CA VAL B 275 2.68 6.20 -3.34
C VAL B 275 2.89 5.26 -4.53
N GLY B 276 1.82 5.02 -5.29
CA GLY B 276 1.92 4.16 -6.45
C GLY B 276 0.93 4.60 -7.50
N ALA B 277 1.00 4.03 -8.70
CA ALA B 277 0.06 4.41 -9.74
C ALA B 277 0.10 3.50 -10.96
N TYR B 278 -1.05 3.35 -11.59
CA TYR B 278 -1.16 2.57 -12.83
C TYR B 278 -2.09 3.28 -13.80
N GLY B 279 -1.65 3.41 -15.04
CA GLY B 279 -2.47 4.07 -16.04
C GLY B 279 -2.18 3.54 -17.44
N GLY B 280 -2.91 4.06 -18.42
CA GLY B 280 -2.72 3.63 -19.79
C GLY B 280 -3.78 4.22 -20.70
N LYS B 281 -4.10 3.51 -21.77
CA LYS B 281 -5.10 3.96 -22.72
C LYS B 281 -6.47 4.09 -22.09
N ARG B 282 -7.18 5.15 -22.46
CA ARG B 282 -8.50 5.47 -21.97
C ARG B 282 -9.48 4.28 -21.90
N GLU B 283 -9.72 3.65 -23.05
CA GLU B 283 -10.66 2.53 -23.11
C GLU B 283 -10.35 1.38 -22.16
N ILE B 284 -9.09 1.16 -21.83
CA ILE B 284 -8.76 0.07 -20.93
C ILE B 284 -9.03 0.47 -19.48
N MET B 285 -8.65 1.69 -19.13
CA MET B 285 -8.86 2.18 -17.77
C MET B 285 -10.35 2.33 -17.39
N GLN B 286 -11.23 2.40 -18.38
CA GLN B 286 -12.67 2.56 -18.10
C GLN B 286 -13.31 1.38 -17.37
N LEU B 287 -12.61 0.24 -17.29
CA LEU B 287 -13.13 -0.94 -16.60
C LEU B 287 -12.96 -0.87 -15.07
N VAL B 288 -12.13 0.07 -14.61
CA VAL B 288 -11.85 0.24 -13.18
C VAL B 288 -13.00 0.93 -12.44
N ALA B 289 -13.49 0.28 -11.38
CA ALA B 289 -14.58 0.83 -10.58
C ALA B 289 -14.14 2.18 -10.04
N PRO B 290 -15.12 3.10 -9.81
CA PRO B 290 -16.55 2.93 -10.04
C PRO B 290 -17.02 3.05 -11.49
N ALA B 291 -16.11 3.37 -12.41
CA ALA B 291 -16.50 3.51 -13.81
C ALA B 291 -16.76 2.17 -14.48
N GLY B 292 -16.22 1.10 -13.90
CA GLY B 292 -16.39 -0.22 -14.49
C GLY B 292 -16.62 -1.33 -13.48
N PRO B 293 -16.67 -2.60 -13.94
CA PRO B 293 -16.88 -3.78 -13.09
C PRO B 293 -15.69 -4.29 -12.29
N MET B 294 -14.46 -4.06 -12.76
CA MET B 294 -13.30 -4.56 -12.00
C MET B 294 -13.07 -3.76 -10.72
N TYR B 295 -13.04 -4.44 -9.58
CA TYR B 295 -12.87 -3.77 -8.30
C TYR B 295 -11.43 -3.62 -7.80
N GLN B 296 -11.15 -2.44 -7.26
CA GLN B 296 -9.84 -2.10 -6.70
C GLN B 296 -10.04 -0.85 -5.86
N ALA B 297 -9.56 -0.89 -4.62
CA ALA B 297 -9.73 0.26 -3.73
C ALA B 297 -8.55 0.53 -2.78
N GLY B 298 -8.69 1.58 -1.98
CA GLY B 298 -7.64 1.94 -1.04
C GLY B 298 -8.07 3.09 -0.17
N THR B 299 -8.02 2.88 1.15
CA THR B 299 -8.41 3.90 2.11
C THR B 299 -7.53 5.14 2.04
N LEU B 300 -6.22 4.94 2.03
CA LEU B 300 -5.27 6.05 1.99
C LEU B 300 -4.91 6.53 0.59
N SER B 301 -5.48 5.93 -0.44
CA SER B 301 -5.15 6.34 -1.81
C SER B 301 -5.47 7.81 -2.07
N GLY B 302 -4.52 8.49 -2.69
CA GLY B 302 -4.69 9.89 -3.04
C GLY B 302 -4.73 10.90 -1.90
N ASN B 303 -4.08 10.63 -0.77
CA ASN B 303 -4.10 11.60 0.33
C ASN B 303 -3.26 12.85 -0.01
N PRO B 304 -3.71 14.02 0.43
CA PRO B 304 -3.02 15.29 0.17
C PRO B 304 -1.51 15.37 0.49
N LEU B 305 -1.05 14.55 1.45
CA LEU B 305 0.36 14.58 1.82
C LEU B 305 1.26 13.91 0.78
N ALA B 306 0.79 12.80 0.23
CA ALA B 306 1.57 12.10 -0.78
C ALA B 306 1.54 12.89 -2.08
N MET B 307 0.38 13.47 -2.40
CA MET B 307 0.23 14.25 -3.62
C MET B 307 1.15 15.49 -3.58
N THR B 308 1.24 16.12 -2.42
CA THR B 308 2.09 17.30 -2.28
C THR B 308 3.56 16.96 -2.55
N ALA B 309 4.01 15.84 -2.01
CA ALA B 309 5.37 15.38 -2.20
C ALA B 309 5.65 15.07 -3.67
N GLY B 310 4.68 14.45 -4.34
CA GLY B 310 4.84 14.12 -5.74
C GLY B 310 4.91 15.32 -6.66
N ILE B 311 4.02 16.29 -6.42
CA ILE B 311 3.97 17.50 -7.23
C ILE B 311 5.31 18.24 -7.19
N LYS B 312 5.82 18.50 -5.99
CA LYS B 312 7.07 19.23 -5.83
C LYS B 312 8.29 18.47 -6.36
N THR B 313 8.27 17.15 -6.29
CA THR B 313 9.41 16.38 -6.79
C THR B 313 9.44 16.49 -8.32
N LEU B 314 8.29 16.35 -8.97
CA LEU B 314 8.21 16.46 -10.42
C LEU B 314 8.55 17.87 -10.90
N GLU B 315 8.27 18.89 -10.09
CA GLU B 315 8.59 20.26 -10.50
C GLU B 315 10.09 20.51 -10.50
N LEU B 316 10.80 19.93 -9.54
CA LEU B 316 12.25 20.09 -9.46
C LEU B 316 12.94 19.38 -10.64
N LEU B 317 12.35 18.29 -11.12
CA LEU B 317 12.94 17.55 -12.23
C LEU B 317 12.78 18.25 -13.58
N ARG B 318 11.71 19.04 -13.73
CA ARG B 318 11.49 19.77 -14.97
C ARG B 318 12.40 20.98 -15.12
N GLN B 319 13.30 21.19 -14.15
CA GLN B 319 14.23 22.31 -14.23
C GLN B 319 15.31 22.00 -15.27
N PRO B 320 15.90 23.03 -15.89
CA PRO B 320 16.93 22.85 -16.91
C PRO B 320 18.18 22.06 -16.52
N GLY B 321 18.62 21.21 -17.43
CA GLY B 321 19.82 20.42 -17.23
C GLY B 321 19.79 19.31 -16.19
N THR B 322 18.61 18.92 -15.73
CA THR B 322 18.49 17.86 -14.74
C THR B 322 19.10 16.52 -15.14
N TYR B 323 18.58 15.91 -16.20
CA TYR B 323 19.06 14.62 -16.68
C TYR B 323 20.45 14.64 -17.31
N GLU B 324 20.88 15.80 -17.81
CA GLU B 324 22.21 15.91 -18.40
C GLU B 324 23.22 15.76 -17.26
N TYR B 325 22.97 16.47 -16.16
CA TYR B 325 23.85 16.41 -15.00
C TYR B 325 24.02 14.98 -14.47
N LEU B 326 22.90 14.26 -14.32
CA LEU B 326 22.95 12.88 -13.82
C LEU B 326 23.78 11.95 -14.70
N ASP B 327 23.71 12.14 -16.00
CA ASP B 327 24.46 11.27 -16.91
C ASP B 327 25.93 11.60 -16.85
N GLN B 328 26.23 12.89 -16.69
CA GLN B 328 27.59 13.37 -16.62
C GLN B 328 28.34 12.74 -15.44
N ILE B 329 27.83 12.92 -14.23
CA ILE B 329 28.49 12.36 -13.06
C ILE B 329 28.45 10.84 -12.95
N THR B 330 27.40 10.21 -13.48
CA THR B 330 27.31 8.75 -13.39
C THR B 330 28.23 8.05 -14.39
N LYS B 331 28.56 8.72 -15.49
CA LYS B 331 29.47 8.13 -16.47
C LYS B 331 30.89 8.15 -15.91
N ARG B 332 31.25 9.23 -15.22
CA ARG B 332 32.58 9.33 -14.61
C ARG B 332 32.76 8.22 -13.59
N LEU B 333 31.72 8.02 -12.78
CA LEU B 333 31.74 7.00 -11.73
C LEU B 333 31.83 5.61 -12.36
N SER B 334 30.92 5.30 -13.28
CA SER B 334 30.91 4.00 -13.93
C SER B 334 32.25 3.71 -14.63
N ASP B 335 32.70 4.64 -15.48
CA ASP B 335 33.97 4.47 -16.19
C ASP B 335 35.14 4.33 -15.21
N GLY B 336 35.23 5.24 -14.25
CA GLY B 336 36.30 5.19 -13.27
C GLY B 336 36.40 3.82 -12.63
N LEU B 337 35.28 3.34 -12.10
CA LEU B 337 35.20 2.04 -11.45
C LEU B 337 35.74 0.95 -12.37
N LEU B 338 35.20 0.85 -13.58
CA LEU B 338 35.65 -0.17 -14.54
C LEU B 338 37.15 -0.04 -14.84
N ALA B 339 37.65 1.19 -14.81
CA ALA B 339 39.07 1.44 -15.05
C ALA B 339 39.90 1.00 -13.86
N ILE B 340 39.43 1.30 -12.65
CA ILE B 340 40.14 0.92 -11.44
C ILE B 340 40.30 -0.60 -11.40
N ALA B 341 39.26 -1.30 -11.80
CA ALA B 341 39.29 -2.77 -11.81
C ALA B 341 40.34 -3.27 -12.81
N GLN B 342 40.60 -2.49 -13.84
CA GLN B 342 41.58 -2.85 -14.86
C GLN B 342 42.99 -2.83 -14.25
N GLU B 343 43.37 -1.70 -13.66
CA GLU B 343 44.69 -1.57 -13.05
C GLU B 343 44.98 -2.65 -12.02
N THR B 344 44.00 -2.91 -11.15
CA THR B 344 44.15 -3.90 -10.09
C THR B 344 43.91 -5.35 -10.47
N GLY B 345 43.67 -5.62 -11.75
CA GLY B 345 43.46 -6.98 -12.19
C GLY B 345 42.28 -7.78 -11.68
N HIS B 346 41.06 -7.28 -11.92
CA HIS B 346 39.86 -7.98 -11.51
C HIS B 346 38.88 -8.01 -12.66
N ALA B 347 38.40 -9.19 -13.04
CA ALA B 347 37.44 -9.30 -14.13
C ALA B 347 36.21 -8.50 -13.73
N ALA B 348 35.72 -7.65 -14.63
CA ALA B 348 34.56 -6.84 -14.31
C ALA B 348 33.90 -6.20 -15.52
N CYS B 349 32.61 -5.92 -15.40
CA CYS B 349 31.84 -5.28 -16.46
C CYS B 349 30.67 -4.53 -15.82
N GLY B 350 30.20 -3.48 -16.50
CA GLY B 350 29.11 -2.70 -15.96
C GLY B 350 28.48 -1.78 -16.98
N GLY B 351 28.00 -0.62 -16.52
CA GLY B 351 27.36 0.32 -17.41
C GLY B 351 26.41 1.25 -16.68
N GLN B 352 25.90 2.25 -17.39
CA GLN B 352 24.98 3.20 -16.80
C GLN B 352 24.18 3.95 -17.85
N VAL B 353 22.97 4.36 -17.48
CA VAL B 353 22.08 5.14 -18.34
C VAL B 353 21.44 6.17 -17.41
N SER B 354 21.79 7.43 -17.59
CA SER B 354 21.30 8.51 -16.75
C SER B 354 21.81 8.24 -15.33
N GLY B 355 20.96 8.43 -14.33
CA GLY B 355 21.38 8.21 -12.95
C GLY B 355 21.18 6.81 -12.39
N MET B 356 21.37 5.79 -13.21
CA MET B 356 21.20 4.41 -12.79
C MET B 356 22.38 3.62 -13.33
N PHE B 357 23.15 2.96 -12.47
CA PHE B 357 24.31 2.21 -12.94
C PHE B 357 24.41 0.77 -12.42
N GLY B 358 25.32 0.02 -13.00
CA GLY B 358 25.53 -1.37 -12.60
C GLY B 358 27.02 -1.67 -12.54
N PHE B 359 27.37 -2.81 -11.95
CA PHE B 359 28.76 -3.23 -11.83
C PHE B 359 28.80 -4.67 -11.30
N PHE B 360 29.28 -5.61 -12.13
CA PHE B 360 29.38 -7.02 -11.72
C PHE B 360 30.83 -7.50 -11.72
N PHE B 361 31.18 -8.40 -10.81
CA PHE B 361 32.53 -8.94 -10.78
C PHE B 361 32.54 -10.17 -11.69
N THR B 362 32.58 -9.92 -12.99
CA THR B 362 32.61 -10.95 -14.03
C THR B 362 32.95 -10.25 -15.34
N GLU B 363 33.66 -10.93 -16.24
CA GLU B 363 34.04 -10.31 -17.51
C GLU B 363 32.80 -10.05 -18.38
N GLY B 364 31.78 -10.88 -18.20
CA GLY B 364 30.55 -10.72 -18.96
C GLY B 364 30.71 -10.88 -20.46
N PRO B 365 29.89 -10.18 -21.26
CA PRO B 365 28.83 -9.26 -20.81
C PRO B 365 27.64 -9.96 -20.19
N VAL B 366 26.74 -9.17 -19.60
CA VAL B 366 25.53 -9.69 -18.97
C VAL B 366 24.29 -9.31 -19.78
N HIS B 367 23.66 -10.31 -20.38
CA HIS B 367 22.46 -10.08 -21.19
C HIS B 367 21.20 -10.55 -20.48
N ASN B 368 21.35 -11.39 -19.47
CA ASN B 368 20.20 -11.91 -18.74
C ASN B 368 20.54 -12.32 -17.32
N TYR B 369 19.55 -12.88 -16.63
CA TYR B 369 19.71 -13.31 -15.25
C TYR B 369 20.75 -14.41 -15.09
N GLU B 370 20.86 -15.28 -16.10
CA GLU B 370 21.81 -16.38 -16.08
C GLU B 370 23.26 -15.89 -16.12
N ASP B 371 23.53 -14.91 -16.98
CA ASP B 371 24.87 -14.35 -17.09
C ASP B 371 25.25 -13.65 -15.79
N ALA B 372 24.29 -12.98 -15.17
CA ALA B 372 24.53 -12.25 -13.92
C ALA B 372 24.97 -13.17 -12.78
N LYS B 373 24.39 -14.36 -12.69
CA LYS B 373 24.75 -15.29 -11.62
C LYS B 373 26.20 -15.78 -11.72
N LYS B 374 26.88 -15.46 -12.81
CA LYS B 374 28.27 -15.87 -12.97
C LYS B 374 29.19 -15.01 -12.12
N SER B 375 28.64 -13.97 -11.51
CA SER B 375 29.42 -13.06 -10.68
C SER B 375 30.06 -13.78 -9.49
N ASP B 376 31.21 -13.25 -9.04
CA ASP B 376 31.91 -13.81 -7.90
C ASP B 376 31.37 -13.14 -6.64
N LEU B 377 30.32 -13.72 -6.07
CA LEU B 377 29.70 -13.18 -4.88
C LEU B 377 30.67 -12.99 -3.72
N GLN B 378 31.57 -13.95 -3.55
CA GLN B 378 32.54 -13.89 -2.48
C GLN B 378 33.32 -12.57 -2.55
N LYS B 379 33.77 -12.22 -3.74
CA LYS B 379 34.52 -10.99 -3.92
C LYS B 379 33.66 -9.74 -3.67
N PHE B 380 32.40 -9.78 -4.11
CA PHE B 380 31.50 -8.64 -3.92
C PHE B 380 31.26 -8.36 -2.44
N SER B 381 31.17 -9.42 -1.65
CA SER B 381 30.95 -9.30 -0.22
C SER B 381 32.10 -8.52 0.44
N ARG B 382 33.34 -8.86 0.09
CA ARG B 382 34.51 -8.18 0.64
C ARG B 382 34.62 -6.75 0.12
N PHE B 383 34.35 -6.57 -1.16
CA PHE B 383 34.41 -5.24 -1.76
C PHE B 383 33.40 -4.33 -1.06
N HIS B 384 32.26 -4.91 -0.69
CA HIS B 384 31.22 -4.15 -0.03
C HIS B 384 31.65 -3.66 1.35
N ARG B 385 32.12 -4.58 2.20
CA ARG B 385 32.56 -4.18 3.54
C ARG B 385 33.68 -3.14 3.46
N GLY B 386 34.61 -3.36 2.52
CA GLY B 386 35.72 -2.44 2.35
C GLY B 386 35.27 -1.02 2.05
N MET B 387 34.32 -0.88 1.13
CA MET B 387 33.81 0.43 0.77
C MET B 387 33.04 1.02 1.95
N LEU B 388 32.31 0.17 2.67
CA LEU B 388 31.55 0.61 3.81
C LEU B 388 32.49 1.26 4.82
N GLU B 389 33.67 0.66 5.01
CA GLU B 389 34.67 1.18 5.95
C GLU B 389 35.35 2.43 5.44
N GLN B 390 35.39 2.63 4.13
CA GLN B 390 36.00 3.82 3.57
C GLN B 390 35.00 4.97 3.53
N GLY B 391 33.77 4.71 3.99
CA GLY B 391 32.75 5.75 3.99
C GLY B 391 31.82 5.78 2.79
N ILE B 392 31.64 4.66 2.12
CA ILE B 392 30.78 4.59 0.95
C ILE B 392 29.70 3.52 1.19
N TYR B 393 28.44 3.90 1.06
CA TYR B 393 27.33 2.97 1.26
C TYR B 393 26.76 2.51 -0.08
N LEU B 394 26.88 1.22 -0.36
CA LEU B 394 26.37 0.66 -1.62
C LEU B 394 25.32 -0.40 -1.30
N ALA B 395 24.45 -0.68 -2.27
CA ALA B 395 23.41 -1.69 -2.10
C ALA B 395 24.06 -2.99 -1.62
N PRO B 396 23.56 -3.56 -0.51
CA PRO B 396 24.07 -4.80 0.07
C PRO B 396 23.76 -6.04 -0.75
N SER B 397 24.01 -5.98 -2.05
CA SER B 397 23.75 -7.12 -2.92
C SER B 397 24.23 -6.88 -4.35
N GLN B 398 24.77 -7.94 -4.94
CA GLN B 398 25.27 -7.88 -6.32
C GLN B 398 24.13 -7.75 -7.30
N PHE B 399 22.96 -8.28 -6.94
CA PHE B 399 21.82 -8.23 -7.82
C PHE B 399 20.90 -7.04 -7.63
N GLU B 400 21.49 -5.88 -7.36
CA GLU B 400 20.73 -4.65 -7.18
C GLU B 400 21.44 -3.54 -7.93
N ALA B 401 20.69 -2.64 -8.56
CA ALA B 401 21.28 -1.53 -9.30
C ALA B 401 21.70 -0.40 -8.36
N GLY B 402 22.59 0.47 -8.82
CA GLY B 402 23.03 1.60 -8.02
C GLY B 402 22.34 2.89 -8.44
N PHE B 403 22.37 3.92 -7.58
CA PHE B 403 21.72 5.19 -7.90
C PHE B 403 22.52 6.44 -7.53
N THR B 404 22.31 7.52 -8.29
CA THR B 404 22.95 8.79 -8.04
C THR B 404 21.84 9.84 -7.98
N SER B 405 22.14 11.01 -7.45
CA SER B 405 21.14 12.06 -7.32
C SER B 405 21.68 13.41 -7.72
N LEU B 406 20.79 14.41 -7.80
CA LEU B 406 21.18 15.76 -8.17
C LEU B 406 22.01 16.41 -7.07
N ALA B 407 22.16 15.75 -5.93
CA ALA B 407 22.94 16.31 -4.83
C ALA B 407 24.38 15.79 -4.79
N HIS B 408 24.67 14.74 -5.55
CA HIS B 408 26.02 14.21 -5.60
C HIS B 408 26.90 15.20 -6.35
N THR B 409 28.05 15.56 -5.77
CA THR B 409 28.94 16.51 -6.42
C THR B 409 30.16 15.86 -7.07
N GLU B 410 30.90 16.68 -7.82
CA GLU B 410 32.11 16.26 -8.52
C GLU B 410 33.08 15.67 -7.50
N GLU B 411 33.21 16.35 -6.36
CA GLU B 411 34.10 15.86 -5.30
C GLU B 411 33.62 14.53 -4.74
N ASP B 412 32.33 14.41 -4.46
CA ASP B 412 31.79 13.17 -3.92
C ASP B 412 32.17 12.00 -4.83
N ILE B 413 32.17 12.23 -6.14
CA ILE B 413 32.53 11.18 -7.09
C ILE B 413 34.02 10.86 -7.00
N ASP B 414 34.85 11.90 -6.92
CA ASP B 414 36.30 11.69 -6.82
C ASP B 414 36.65 10.91 -5.56
N ALA B 415 36.07 11.30 -4.43
CA ALA B 415 36.35 10.61 -3.17
C ALA B 415 35.94 9.14 -3.24
N THR B 416 34.85 8.84 -3.96
CA THR B 416 34.36 7.47 -4.10
C THR B 416 35.32 6.63 -4.94
N LEU B 417 35.89 7.24 -5.99
CA LEU B 417 36.84 6.54 -6.85
C LEU B 417 38.14 6.31 -6.08
N ALA B 418 38.55 7.29 -5.28
CA ALA B 418 39.77 7.18 -4.49
C ALA B 418 39.63 6.00 -3.52
N ALA B 419 38.46 5.88 -2.91
CA ALA B 419 38.17 4.81 -1.96
C ALA B 419 38.12 3.44 -2.62
N ALA B 420 37.61 3.38 -3.85
CA ALA B 420 37.53 2.12 -4.58
C ALA B 420 38.93 1.61 -4.95
N ARG B 421 39.84 2.55 -5.21
CA ARG B 421 41.21 2.23 -5.57
C ARG B 421 41.87 1.51 -4.39
N THR B 422 41.73 2.08 -3.20
CA THR B 422 42.29 1.50 -1.99
C THR B 422 41.72 0.11 -1.68
N VAL B 423 40.42 -0.05 -1.88
CA VAL B 423 39.77 -1.32 -1.62
C VAL B 423 40.15 -2.41 -2.62
N MET B 424 40.05 -2.10 -3.92
CA MET B 424 40.40 -3.10 -4.94
C MET B 424 41.89 -3.44 -4.97
N SER B 425 42.72 -2.59 -4.40
CA SER B 425 44.15 -2.84 -4.36
C SER B 425 44.51 -3.77 -3.21
N ALA B 426 43.50 -4.17 -2.43
CA ALA B 426 43.73 -5.05 -1.29
C ALA B 426 42.90 -6.33 -1.35
N LEU B 427 42.06 -6.47 -2.38
CA LEU B 427 41.25 -7.68 -2.51
C LEU B 427 42.13 -8.86 -2.93
#